data_3B5D
# 
_entry.id   3B5D 
# 
_audit_conform.dict_name       mmcif_pdbx.dic 
_audit_conform.dict_version    5.387 
_audit_conform.dict_location   http://mmcif.pdb.org/dictionaries/ascii/mmcif_pdbx.dic 
# 
loop_
_database_2.database_id 
_database_2.database_code 
_database_2.pdbx_database_accession 
_database_2.pdbx_DOI 
PDB   3B5D         pdb_00003b5d 10.2210/pdb3b5d/pdb 
RCSB  RCSB045098   ?            ?                   
WWPDB D_1000045098 ?            ?                   
# 
loop_
_pdbx_audit_revision_history.ordinal 
_pdbx_audit_revision_history.data_content_type 
_pdbx_audit_revision_history.major_revision 
_pdbx_audit_revision_history.minor_revision 
_pdbx_audit_revision_history.revision_date 
1 'Structure model' 1 0 2007-12-04 
2 'Structure model' 1 1 2011-07-13 
3 'Structure model' 1 2 2024-02-21 
# 
_pdbx_audit_revision_details.ordinal             1 
_pdbx_audit_revision_details.revision_ordinal    1 
_pdbx_audit_revision_details.data_content_type   'Structure model' 
_pdbx_audit_revision_details.provider            repository 
_pdbx_audit_revision_details.type                'Initial release' 
_pdbx_audit_revision_details.description         ? 
_pdbx_audit_revision_details.details             ? 
# 
loop_
_pdbx_audit_revision_group.ordinal 
_pdbx_audit_revision_group.revision_ordinal 
_pdbx_audit_revision_group.data_content_type 
_pdbx_audit_revision_group.group 
1 2 'Structure model' 'Version format compliance' 
2 3 'Structure model' 'Data collection'           
3 3 'Structure model' 'Database references'       
4 3 'Structure model' 'Derived calculations'      
# 
loop_
_pdbx_audit_revision_category.ordinal 
_pdbx_audit_revision_category.revision_ordinal 
_pdbx_audit_revision_category.data_content_type 
_pdbx_audit_revision_category.category 
1 3 'Structure model' chem_comp_atom 
2 3 'Structure model' chem_comp_bond 
3 3 'Structure model' database_2     
4 3 'Structure model' struct_site    
# 
loop_
_pdbx_audit_revision_item.ordinal 
_pdbx_audit_revision_item.revision_ordinal 
_pdbx_audit_revision_item.data_content_type 
_pdbx_audit_revision_item.item 
1 3 'Structure model' '_database_2.pdbx_DOI'                
2 3 'Structure model' '_database_2.pdbx_database_accession' 
3 3 'Structure model' '_struct_site.pdbx_auth_asym_id'      
4 3 'Structure model' '_struct_site.pdbx_auth_comp_id'      
5 3 'Structure model' '_struct_site.pdbx_auth_seq_id'       
# 
_pdbx_database_status.status_code                     REL 
_pdbx_database_status.entry_id                        3B5D 
_pdbx_database_status.recvd_initial_deposition_date   2007-10-25 
_pdbx_database_status.deposit_site                    RCSB 
_pdbx_database_status.process_site                    RCSB 
_pdbx_database_status.status_code_sf                  REL 
_pdbx_database_status.status_code_mr                  ? 
_pdbx_database_status.SG_entry                        ? 
_pdbx_database_status.pdb_format_compatible           Y 
_pdbx_database_status.status_code_cs                  ? 
_pdbx_database_status.status_code_nmr_data            ? 
_pdbx_database_status.methods_development_category    ? 
# 
loop_
_audit_author.name 
_audit_author.pdbx_ordinal 
'Chang, G.'  1 
'Chen, Y.J.' 2 
# 
_citation.id                        primary 
_citation.title                     'X-ray structure of EmrE supports dual topology model.' 
_citation.journal_abbrev            Proc.Natl.Acad.Sci.Usa 
_citation.journal_volume            104 
_citation.page_first                18999 
_citation.page_last                 19004 
_citation.year                      2007 
_citation.journal_id_ASTM           PNASA6 
_citation.country                   US 
_citation.journal_id_ISSN           0027-8424 
_citation.journal_id_CSD            0040 
_citation.book_publisher            ? 
_citation.pdbx_database_id_PubMed   18024586 
_citation.pdbx_database_id_DOI      10.1073/pnas.0709387104 
# 
loop_
_citation_author.citation_id 
_citation_author.name 
_citation_author.ordinal 
_citation_author.identifier_ORCID 
primary 'Chen, Y.J.'    1 ? 
primary 'Pornillos, O.' 2 ? 
primary 'Lieu, S.'      3 ? 
primary 'Ma, C.'        4 ? 
primary 'Chen, A.P.'    5 ? 
primary 'Chang, G.'     6 ? 
# 
loop_
_entity.id 
_entity.type 
_entity.src_method 
_entity.pdbx_description 
_entity.formula_weight 
_entity.pdbx_number_of_molecules 
_entity.pdbx_ec 
_entity.pdbx_mutation 
_entity.pdbx_fragment 
_entity.details 
1 polymer     man 'Multidrug transporter emrE' 11963.278 2 ? ? ? ? 
2 non-polymer syn TETRAPHENYLPHOSPHONIUM       339.389   1 ? ? ? ? 
# 
_entity_name_com.entity_id   1 
_entity_name_com.name        
'Efflux-multidrug resistance protein emrE, Methyl viologen resistance protein C, Ethidium resistance protein' 
# 
_entity_poly.entity_id                      1 
_entity_poly.type                           'polypeptide(L)' 
_entity_poly.nstd_linkage                   no 
_entity_poly.nstd_monomer                   no 
_entity_poly.pdbx_seq_one_letter_code       
;MNPYIYLGGAILAEVIGTTLMKFSEGFTRLWPSVGTIICYCASFWLLAQTLAYIPTGIAYAIWSGVGIVLISLLSWGFFG
QRLDLPAIIGMMLICAGVLIINLLSRSTPH
;
_entity_poly.pdbx_seq_one_letter_code_can   
;MNPYIYLGGAILAEVIGTTLMKFSEGFTRLWPSVGTIICYCASFWLLAQTLAYIPTGIAYAIWSGVGIVLISLLSWGFFG
QRLDLPAIIGMMLICAGVLIINLLSRSTPH
;
_entity_poly.pdbx_strand_id                 A,B 
_entity_poly.pdbx_target_identifier         ? 
# 
_pdbx_entity_nonpoly.entity_id   2 
_pdbx_entity_nonpoly.name        TETRAPHENYLPHOSPHONIUM 
_pdbx_entity_nonpoly.comp_id     P4P 
# 
loop_
_entity_poly_seq.entity_id 
_entity_poly_seq.num 
_entity_poly_seq.mon_id 
_entity_poly_seq.hetero 
1 1   MET n 
1 2   ASN n 
1 3   PRO n 
1 4   TYR n 
1 5   ILE n 
1 6   TYR n 
1 7   LEU n 
1 8   GLY n 
1 9   GLY n 
1 10  ALA n 
1 11  ILE n 
1 12  LEU n 
1 13  ALA n 
1 14  GLU n 
1 15  VAL n 
1 16  ILE n 
1 17  GLY n 
1 18  THR n 
1 19  THR n 
1 20  LEU n 
1 21  MET n 
1 22  LYS n 
1 23  PHE n 
1 24  SER n 
1 25  GLU n 
1 26  GLY n 
1 27  PHE n 
1 28  THR n 
1 29  ARG n 
1 30  LEU n 
1 31  TRP n 
1 32  PRO n 
1 33  SER n 
1 34  VAL n 
1 35  GLY n 
1 36  THR n 
1 37  ILE n 
1 38  ILE n 
1 39  CYS n 
1 40  TYR n 
1 41  CYS n 
1 42  ALA n 
1 43  SER n 
1 44  PHE n 
1 45  TRP n 
1 46  LEU n 
1 47  LEU n 
1 48  ALA n 
1 49  GLN n 
1 50  THR n 
1 51  LEU n 
1 52  ALA n 
1 53  TYR n 
1 54  ILE n 
1 55  PRO n 
1 56  THR n 
1 57  GLY n 
1 58  ILE n 
1 59  ALA n 
1 60  TYR n 
1 61  ALA n 
1 62  ILE n 
1 63  TRP n 
1 64  SER n 
1 65  GLY n 
1 66  VAL n 
1 67  GLY n 
1 68  ILE n 
1 69  VAL n 
1 70  LEU n 
1 71  ILE n 
1 72  SER n 
1 73  LEU n 
1 74  LEU n 
1 75  SER n 
1 76  TRP n 
1 77  GLY n 
1 78  PHE n 
1 79  PHE n 
1 80  GLY n 
1 81  GLN n 
1 82  ARG n 
1 83  LEU n 
1 84  ASP n 
1 85  LEU n 
1 86  PRO n 
1 87  ALA n 
1 88  ILE n 
1 89  ILE n 
1 90  GLY n 
1 91  MET n 
1 92  MET n 
1 93  LEU n 
1 94  ILE n 
1 95  CYS n 
1 96  ALA n 
1 97  GLY n 
1 98  VAL n 
1 99  LEU n 
1 100 ILE n 
1 101 ILE n 
1 102 ASN n 
1 103 LEU n 
1 104 LEU n 
1 105 SER n 
1 106 ARG n 
1 107 SER n 
1 108 THR n 
1 109 PRO n 
1 110 HIS n 
# 
_entity_src_gen.entity_id                          1 
_entity_src_gen.pdbx_src_id                        1 
_entity_src_gen.pdbx_alt_source_flag               sample 
_entity_src_gen.pdbx_seq_type                      ? 
_entity_src_gen.pdbx_beg_seq_num                   ? 
_entity_src_gen.pdbx_end_seq_num                   ? 
_entity_src_gen.gene_src_common_name               ? 
_entity_src_gen.gene_src_genus                     Escherichia 
_entity_src_gen.pdbx_gene_src_gene                 'emrE, eb, mvrC' 
_entity_src_gen.gene_src_species                   'Escherichia coli' 
_entity_src_gen.gene_src_strain                    K-12 
_entity_src_gen.gene_src_tissue                    ? 
_entity_src_gen.gene_src_tissue_fraction           ? 
_entity_src_gen.gene_src_details                   ? 
_entity_src_gen.pdbx_gene_src_fragment             ? 
_entity_src_gen.pdbx_gene_src_scientific_name      'Escherichia coli K12' 
_entity_src_gen.pdbx_gene_src_ncbi_taxonomy_id     83333 
_entity_src_gen.pdbx_gene_src_variant              ? 
_entity_src_gen.pdbx_gene_src_cell_line            ? 
_entity_src_gen.pdbx_gene_src_atcc                 ? 
_entity_src_gen.pdbx_gene_src_organ                ? 
_entity_src_gen.pdbx_gene_src_organelle            ? 
_entity_src_gen.pdbx_gene_src_cell                 ? 
_entity_src_gen.pdbx_gene_src_cellular_location    ? 
_entity_src_gen.host_org_common_name               ? 
_entity_src_gen.pdbx_host_org_scientific_name      'Escherichia coli BL21(DE3)' 
_entity_src_gen.pdbx_host_org_ncbi_taxonomy_id     469008 
_entity_src_gen.host_org_genus                     Escherichia 
_entity_src_gen.pdbx_host_org_gene                 ? 
_entity_src_gen.pdbx_host_org_organ                ? 
_entity_src_gen.host_org_species                   'Escherichia coli' 
_entity_src_gen.pdbx_host_org_tissue               ? 
_entity_src_gen.pdbx_host_org_tissue_fraction      ? 
_entity_src_gen.pdbx_host_org_strain               'BL21(DE3)' 
_entity_src_gen.pdbx_host_org_variant              ? 
_entity_src_gen.pdbx_host_org_cell_line            ? 
_entity_src_gen.pdbx_host_org_atcc                 ? 
_entity_src_gen.pdbx_host_org_culture_collection   ? 
_entity_src_gen.pdbx_host_org_cell                 ? 
_entity_src_gen.pdbx_host_org_organelle            ? 
_entity_src_gen.pdbx_host_org_cellular_location    ? 
_entity_src_gen.pdbx_host_org_vector_type          PLASMID 
_entity_src_gen.pdbx_host_org_vector               ? 
_entity_src_gen.host_org_details                   ? 
_entity_src_gen.expression_system_id               ? 
_entity_src_gen.plasmid_name                       pIVEX 
_entity_src_gen.plasmid_details                    ? 
_entity_src_gen.pdbx_description                   ? 
# 
loop_
_chem_comp.id 
_chem_comp.type 
_chem_comp.mon_nstd_flag 
_chem_comp.name 
_chem_comp.pdbx_synonyms 
_chem_comp.formula 
_chem_comp.formula_weight 
ALA 'L-peptide linking' y ALANINE                ? 'C3 H7 N O2'     89.093  
ARG 'L-peptide linking' y ARGININE               ? 'C6 H15 N4 O2 1' 175.209 
ASN 'L-peptide linking' y ASPARAGINE             ? 'C4 H8 N2 O3'    132.118 
ASP 'L-peptide linking' y 'ASPARTIC ACID'        ? 'C4 H7 N O4'     133.103 
CYS 'L-peptide linking' y CYSTEINE               ? 'C3 H7 N O2 S'   121.158 
GLN 'L-peptide linking' y GLUTAMINE              ? 'C5 H10 N2 O3'   146.144 
GLU 'L-peptide linking' y 'GLUTAMIC ACID'        ? 'C5 H9 N O4'     147.129 
GLY 'peptide linking'   y GLYCINE                ? 'C2 H5 N O2'     75.067  
HIS 'L-peptide linking' y HISTIDINE              ? 'C6 H10 N3 O2 1' 156.162 
ILE 'L-peptide linking' y ISOLEUCINE             ? 'C6 H13 N O2'    131.173 
LEU 'L-peptide linking' y LEUCINE                ? 'C6 H13 N O2'    131.173 
LYS 'L-peptide linking' y LYSINE                 ? 'C6 H15 N2 O2 1' 147.195 
MET 'L-peptide linking' y METHIONINE             ? 'C5 H11 N O2 S'  149.211 
P4P non-polymer         . TETRAPHENYLPHOSPHONIUM ? 'C24 H20 P 1'    339.389 
PHE 'L-peptide linking' y PHENYLALANINE          ? 'C9 H11 N O2'    165.189 
PRO 'L-peptide linking' y PROLINE                ? 'C5 H9 N O2'     115.130 
SER 'L-peptide linking' y SERINE                 ? 'C3 H7 N O3'     105.093 
THR 'L-peptide linking' y THREONINE              ? 'C4 H9 N O3'     119.119 
TRP 'L-peptide linking' y TRYPTOPHAN             ? 'C11 H12 N2 O2'  204.225 
TYR 'L-peptide linking' y TYROSINE               ? 'C9 H11 N O3'    181.189 
VAL 'L-peptide linking' y VALINE                 ? 'C5 H11 N O2'    117.146 
# 
loop_
_pdbx_poly_seq_scheme.asym_id 
_pdbx_poly_seq_scheme.entity_id 
_pdbx_poly_seq_scheme.seq_id 
_pdbx_poly_seq_scheme.mon_id 
_pdbx_poly_seq_scheme.ndb_seq_num 
_pdbx_poly_seq_scheme.pdb_seq_num 
_pdbx_poly_seq_scheme.auth_seq_num 
_pdbx_poly_seq_scheme.pdb_mon_id 
_pdbx_poly_seq_scheme.auth_mon_id 
_pdbx_poly_seq_scheme.pdb_strand_id 
_pdbx_poly_seq_scheme.pdb_ins_code 
_pdbx_poly_seq_scheme.hetero 
A 1 1   MET 1   1   ?   ?   ?   A . n 
A 1 2   ASN 2   2   ?   ?   ?   A . n 
A 1 3   PRO 3   3   ?   ?   ?   A . n 
A 1 4   TYR 4   4   ?   ?   ?   A . n 
A 1 5   ILE 5   5   ?   ?   ?   A . n 
A 1 6   TYR 6   6   6   TYR TYR A . n 
A 1 7   LEU 7   7   7   LEU LEU A . n 
A 1 8   GLY 8   8   8   GLY GLY A . n 
A 1 9   GLY 9   9   9   GLY GLY A . n 
A 1 10  ALA 10  10  10  ALA ALA A . n 
A 1 11  ILE 11  11  11  ILE ILE A . n 
A 1 12  LEU 12  12  12  LEU LEU A . n 
A 1 13  ALA 13  13  13  ALA ALA A . n 
A 1 14  GLU 14  14  14  GLU GLU A . n 
A 1 15  VAL 15  15  15  VAL VAL A . n 
A 1 16  ILE 16  16  16  ILE ILE A . n 
A 1 17  GLY 17  17  17  GLY GLY A . n 
A 1 18  THR 18  18  18  THR THR A . n 
A 1 19  THR 19  19  19  THR THR A . n 
A 1 20  LEU 20  20  20  LEU LEU A . n 
A 1 21  MET 21  21  21  MET MET A . n 
A 1 22  LYS 22  22  22  LYS LYS A . n 
A 1 23  PHE 23  23  23  PHE PHE A . n 
A 1 24  SER 24  24  24  SER SER A . n 
A 1 25  GLU 25  25  25  GLU GLU A . n 
A 1 26  GLY 26  26  26  GLY GLY A . n 
A 1 27  PHE 27  27  27  PHE PHE A . n 
A 1 28  THR 28  28  28  THR THR A . n 
A 1 29  ARG 29  29  29  ARG ARG A . n 
A 1 30  LEU 30  30  30  LEU LEU A . n 
A 1 31  TRP 31  31  31  TRP TRP A . n 
A 1 32  PRO 32  32  32  PRO PRO A . n 
A 1 33  SER 33  33  33  SER SER A . n 
A 1 34  VAL 34  34  34  VAL VAL A . n 
A 1 35  GLY 35  35  35  GLY GLY A . n 
A 1 36  THR 36  36  36  THR THR A . n 
A 1 37  ILE 37  37  37  ILE ILE A . n 
A 1 38  ILE 38  38  38  ILE ILE A . n 
A 1 39  CYS 39  39  39  CYS CYS A . n 
A 1 40  TYR 40  40  40  TYR TYR A . n 
A 1 41  CYS 41  41  41  CYS CYS A . n 
A 1 42  ALA 42  42  42  ALA ALA A . n 
A 1 43  SER 43  43  43  SER SER A . n 
A 1 44  PHE 44  44  44  PHE PHE A . n 
A 1 45  TRP 45  45  45  TRP TRP A . n 
A 1 46  LEU 46  46  46  LEU LEU A . n 
A 1 47  LEU 47  47  47  LEU LEU A . n 
A 1 48  ALA 48  48  48  ALA ALA A . n 
A 1 49  GLN 49  49  49  GLN GLN A . n 
A 1 50  THR 50  50  50  THR THR A . n 
A 1 51  LEU 51  51  51  LEU LEU A . n 
A 1 52  ALA 52  52  52  ALA ALA A . n 
A 1 53  TYR 53  53  53  TYR TYR A . n 
A 1 54  ILE 54  54  54  ILE ILE A . n 
A 1 55  PRO 55  55  55  PRO PRO A . n 
A 1 56  THR 56  56  56  THR THR A . n 
A 1 57  GLY 57  57  57  GLY GLY A . n 
A 1 58  ILE 58  58  58  ILE ILE A . n 
A 1 59  ALA 59  59  59  ALA ALA A . n 
A 1 60  TYR 60  60  60  TYR TYR A . n 
A 1 61  ALA 61  61  61  ALA ALA A . n 
A 1 62  ILE 62  62  62  ILE ILE A . n 
A 1 63  TRP 63  63  63  TRP TRP A . n 
A 1 64  SER 64  64  64  SER SER A . n 
A 1 65  GLY 65  65  65  GLY GLY A . n 
A 1 66  VAL 66  66  66  VAL VAL A . n 
A 1 67  GLY 67  67  67  GLY GLY A . n 
A 1 68  ILE 68  68  68  ILE ILE A . n 
A 1 69  VAL 69  69  69  VAL VAL A . n 
A 1 70  LEU 70  70  70  LEU LEU A . n 
A 1 71  ILE 71  71  71  ILE ILE A . n 
A 1 72  SER 72  72  72  SER SER A . n 
A 1 73  LEU 73  73  73  LEU LEU A . n 
A 1 74  LEU 74  74  74  LEU LEU A . n 
A 1 75  SER 75  75  75  SER SER A . n 
A 1 76  TRP 76  76  76  TRP TRP A . n 
A 1 77  GLY 77  77  77  GLY GLY A . n 
A 1 78  PHE 78  78  78  PHE PHE A . n 
A 1 79  PHE 79  79  79  PHE PHE A . n 
A 1 80  GLY 80  80  80  GLY GLY A . n 
A 1 81  GLN 81  81  81  GLN GLN A . n 
A 1 82  ARG 82  82  82  ARG ARG A . n 
A 1 83  LEU 83  83  83  LEU LEU A . n 
A 1 84  ASP 84  84  84  ASP ASP A . n 
A 1 85  LEU 85  85  85  LEU LEU A . n 
A 1 86  PRO 86  86  86  PRO PRO A . n 
A 1 87  ALA 87  87  87  ALA ALA A . n 
A 1 88  ILE 88  88  88  ILE ILE A . n 
A 1 89  ILE 89  89  89  ILE ILE A . n 
A 1 90  GLY 90  90  90  GLY GLY A . n 
A 1 91  MET 91  91  91  MET MET A . n 
A 1 92  MET 92  92  92  MET MET A . n 
A 1 93  LEU 93  93  93  LEU LEU A . n 
A 1 94  ILE 94  94  94  ILE ILE A . n 
A 1 95  CYS 95  95  95  CYS CYS A . n 
A 1 96  ALA 96  96  96  ALA ALA A . n 
A 1 97  GLY 97  97  97  GLY GLY A . n 
A 1 98  VAL 98  98  98  VAL VAL A . n 
A 1 99  LEU 99  99  99  LEU LEU A . n 
A 1 100 ILE 100 100 100 ILE ILE A . n 
A 1 101 ILE 101 101 101 ILE ILE A . n 
A 1 102 ASN 102 102 102 ASN ASN A . n 
A 1 103 LEU 103 103 103 LEU LEU A . n 
A 1 104 LEU 104 104 104 LEU LEU A . n 
A 1 105 SER 105 105 105 SER SER A . n 
A 1 106 ARG 106 106 ?   ?   ?   A . n 
A 1 107 SER 107 107 ?   ?   ?   A . n 
A 1 108 THR 108 108 ?   ?   ?   A . n 
A 1 109 PRO 109 109 ?   ?   ?   A . n 
A 1 110 HIS 110 110 ?   ?   ?   A . n 
B 1 1   MET 1   1   ?   ?   ?   B . n 
B 1 2   ASN 2   2   ?   ?   ?   B . n 
B 1 3   PRO 3   3   ?   ?   ?   B . n 
B 1 4   TYR 4   4   4   TYR TYR B . n 
B 1 5   ILE 5   5   5   ILE ILE B . n 
B 1 6   TYR 6   6   6   TYR TYR B . n 
B 1 7   LEU 7   7   7   LEU LEU B . n 
B 1 8   GLY 8   8   8   GLY GLY B . n 
B 1 9   GLY 9   9   9   GLY GLY B . n 
B 1 10  ALA 10  10  10  ALA ALA B . n 
B 1 11  ILE 11  11  11  ILE ILE B . n 
B 1 12  LEU 12  12  12  LEU LEU B . n 
B 1 13  ALA 13  13  13  ALA ALA B . n 
B 1 14  GLU 14  14  14  GLU GLU B . n 
B 1 15  VAL 15  15  15  VAL VAL B . n 
B 1 16  ILE 16  16  16  ILE ILE B . n 
B 1 17  GLY 17  17  17  GLY GLY B . n 
B 1 18  THR 18  18  18  THR THR B . n 
B 1 19  THR 19  19  19  THR THR B . n 
B 1 20  LEU 20  20  20  LEU LEU B . n 
B 1 21  MET 21  21  21  MET MET B . n 
B 1 22  LYS 22  22  22  LYS LYS B . n 
B 1 23  PHE 23  23  23  PHE PHE B . n 
B 1 24  SER 24  24  24  SER SER B . n 
B 1 25  GLU 25  25  25  GLU GLU B . n 
B 1 26  GLY 26  26  26  GLY GLY B . n 
B 1 27  PHE 27  27  27  PHE PHE B . n 
B 1 28  THR 28  28  28  THR THR B . n 
B 1 29  ARG 29  29  29  ARG ARG B . n 
B 1 30  LEU 30  30  30  LEU LEU B . n 
B 1 31  TRP 31  31  31  TRP TRP B . n 
B 1 32  PRO 32  32  32  PRO PRO B . n 
B 1 33  SER 33  33  33  SER SER B . n 
B 1 34  VAL 34  34  34  VAL VAL B . n 
B 1 35  GLY 35  35  35  GLY GLY B . n 
B 1 36  THR 36  36  36  THR THR B . n 
B 1 37  ILE 37  37  37  ILE ILE B . n 
B 1 38  ILE 38  38  38  ILE ILE B . n 
B 1 39  CYS 39  39  39  CYS CYS B . n 
B 1 40  TYR 40  40  40  TYR TYR B . n 
B 1 41  CYS 41  41  41  CYS CYS B . n 
B 1 42  ALA 42  42  42  ALA ALA B . n 
B 1 43  SER 43  43  43  SER SER B . n 
B 1 44  PHE 44  44  44  PHE PHE B . n 
B 1 45  TRP 45  45  45  TRP TRP B . n 
B 1 46  LEU 46  46  46  LEU LEU B . n 
B 1 47  LEU 47  47  47  LEU LEU B . n 
B 1 48  ALA 48  48  48  ALA ALA B . n 
B 1 49  GLN 49  49  49  GLN GLN B . n 
B 1 50  THR 50  50  50  THR THR B . n 
B 1 51  LEU 51  51  51  LEU LEU B . n 
B 1 52  ALA 52  52  52  ALA ALA B . n 
B 1 53  TYR 53  53  53  TYR TYR B . n 
B 1 54  ILE 54  54  54  ILE ILE B . n 
B 1 55  PRO 55  55  55  PRO PRO B . n 
B 1 56  THR 56  56  56  THR THR B . n 
B 1 57  GLY 57  57  57  GLY GLY B . n 
B 1 58  ILE 58  58  58  ILE ILE B . n 
B 1 59  ALA 59  59  59  ALA ALA B . n 
B 1 60  TYR 60  60  60  TYR TYR B . n 
B 1 61  ALA 61  61  61  ALA ALA B . n 
B 1 62  ILE 62  62  62  ILE ILE B . n 
B 1 63  TRP 63  63  63  TRP TRP B . n 
B 1 64  SER 64  64  64  SER SER B . n 
B 1 65  GLY 65  65  65  GLY GLY B . n 
B 1 66  VAL 66  66  66  VAL VAL B . n 
B 1 67  GLY 67  67  67  GLY GLY B . n 
B 1 68  ILE 68  68  68  ILE ILE B . n 
B 1 69  VAL 69  69  69  VAL VAL B . n 
B 1 70  LEU 70  70  70  LEU LEU B . n 
B 1 71  ILE 71  71  71  ILE ILE B . n 
B 1 72  SER 72  72  72  SER SER B . n 
B 1 73  LEU 73  73  73  LEU LEU B . n 
B 1 74  LEU 74  74  74  LEU LEU B . n 
B 1 75  SER 75  75  75  SER SER B . n 
B 1 76  TRP 76  76  76  TRP TRP B . n 
B 1 77  GLY 77  77  77  GLY GLY B . n 
B 1 78  PHE 78  78  78  PHE PHE B . n 
B 1 79  PHE 79  79  79  PHE PHE B . n 
B 1 80  GLY 80  80  80  GLY GLY B . n 
B 1 81  GLN 81  81  81  GLN GLN B . n 
B 1 82  ARG 82  82  82  ARG ARG B . n 
B 1 83  LEU 83  83  83  LEU LEU B . n 
B 1 84  ASP 84  84  84  ASP ASP B . n 
B 1 85  LEU 85  85  85  LEU LEU B . n 
B 1 86  PRO 86  86  86  PRO PRO B . n 
B 1 87  ALA 87  87  87  ALA ALA B . n 
B 1 88  ILE 88  88  88  ILE ILE B . n 
B 1 89  ILE 89  89  89  ILE ILE B . n 
B 1 90  GLY 90  90  90  GLY GLY B . n 
B 1 91  MET 91  91  91  MET MET B . n 
B 1 92  MET 92  92  92  MET MET B . n 
B 1 93  LEU 93  93  93  LEU LEU B . n 
B 1 94  ILE 94  94  94  ILE ILE B . n 
B 1 95  CYS 95  95  95  CYS CYS B . n 
B 1 96  ALA 96  96  96  ALA ALA B . n 
B 1 97  GLY 97  97  97  GLY GLY B . n 
B 1 98  VAL 98  98  98  VAL VAL B . n 
B 1 99  LEU 99  99  99  LEU LEU B . n 
B 1 100 ILE 100 100 100 ILE ILE B . n 
B 1 101 ILE 101 101 101 ILE ILE B . n 
B 1 102 ASN 102 102 102 ASN ASN B . n 
B 1 103 LEU 103 103 ?   ?   ?   B . n 
B 1 104 LEU 104 104 ?   ?   ?   B . n 
B 1 105 SER 105 105 ?   ?   ?   B . n 
B 1 106 ARG 106 106 ?   ?   ?   B . n 
B 1 107 SER 107 107 ?   ?   ?   B . n 
B 1 108 THR 108 108 ?   ?   ?   B . n 
B 1 109 PRO 109 109 ?   ?   ?   B . n 
B 1 110 HIS 110 110 ?   ?   ?   B . n 
# 
_pdbx_nonpoly_scheme.asym_id         C 
_pdbx_nonpoly_scheme.entity_id       2 
_pdbx_nonpoly_scheme.mon_id          P4P 
_pdbx_nonpoly_scheme.ndb_seq_num     1 
_pdbx_nonpoly_scheme.pdb_seq_num     350 
_pdbx_nonpoly_scheme.auth_seq_num    350 
_pdbx_nonpoly_scheme.pdb_mon_id      P4P 
_pdbx_nonpoly_scheme.auth_mon_id     TTA 
_pdbx_nonpoly_scheme.pdb_strand_id   A 
_pdbx_nonpoly_scheme.pdb_ins_code    . 
# 
loop_
_software.name 
_software.classification 
_software.version 
_software.citation_id 
_software.pdbx_ordinal 
HKL-2000 'data collection' . ? 1 
CNS      refinement        . ? 2 
HKL-2000 'data reduction'  . ? 3 
HKL-2000 'data scaling'    . ? 4 
CNS      phasing           . ? 5 
# 
_cell.entry_id           3B5D 
_cell.length_a           115.1 
_cell.length_b           43.7 
_cell.length_c           76.4 
_cell.angle_alpha        90 
_cell.angle_beta         108.1 
_cell.angle_gamma        90 
_cell.pdbx_unique_axis   ? 
_cell.Z_PDB              8 
_cell.length_a_esd       ? 
_cell.length_b_esd       ? 
_cell.length_c_esd       ? 
_cell.angle_alpha_esd    ? 
_cell.angle_beta_esd     ? 
_cell.angle_gamma_esd    ? 
# 
_symmetry.entry_id                         3B5D 
_symmetry.space_group_name_H-M             'C 1 2 1' 
_symmetry.pdbx_full_space_group_name_H-M   ? 
_symmetry.Int_Tables_number                5 
_symmetry.cell_setting                     ? 
_symmetry.space_group_name_Hall            ? 
# 
_exptl.entry_id          3B5D 
_exptl.method            'X-RAY DIFFRACTION' 
_exptl.crystals_number   1 
# 
_exptl_crystal.id                    1 
_exptl_crystal.density_meas          ? 
_exptl_crystal.density_Matthews      3.82 
_exptl_crystal.density_percent_sol   67.77 
_exptl_crystal.description           ? 
_exptl_crystal.F_000                 ? 
_exptl_crystal.preparation           ? 
# 
_exptl_crystal_grow.crystal_id      1 
_exptl_crystal_grow.method          'VAPOR DIFFUSION, SITTING DROP' 
_exptl_crystal_grow.temp            298 
_exptl_crystal_grow.temp_details    ? 
_exptl_crystal_grow.pH              6.8 
_exptl_crystal_grow.pdbx_details    
;100-200 mM calcium chloride, 100 mM Tris, 11-14% (w/v) PEG 2,000 MME , and 0.3-0.6% (w/v) NG, pH 6.8, VAPOR DIFFUSION, SITTING DROP, temperature 298K
;
_exptl_crystal_grow.pdbx_pH_range   . 
# 
_diffrn.id                     1 
_diffrn.ambient_temp           100 
_diffrn.ambient_temp_details   ? 
_diffrn.crystal_id             1 
# 
_diffrn_detector.diffrn_id              1 
_diffrn_detector.detector               CCD 
_diffrn_detector.type                   'ADSC QUANTUM 315' 
_diffrn_detector.pdbx_collection_date   2006-11-16 
_diffrn_detector.details                Mirrors 
# 
_diffrn_radiation.diffrn_id                        1 
_diffrn_radiation.wavelength_id                    1 
_diffrn_radiation.pdbx_monochromatic_or_laue_m_l   M 
_diffrn_radiation.monochromator                    ? 
_diffrn_radiation.pdbx_diffrn_protocol             MAD 
_diffrn_radiation.pdbx_scattering_type             x-ray 
# 
loop_
_diffrn_radiation_wavelength.id 
_diffrn_radiation_wavelength.wavelength 
_diffrn_radiation_wavelength.wt 
1 0.9790 1.0 
2 0.9793 1.0 
3 0.9184 1.0 
# 
_diffrn_source.diffrn_id                   1 
_diffrn_source.source                      SYNCHROTRON 
_diffrn_source.type                        'SSRL BEAMLINE BL11-1' 
_diffrn_source.pdbx_synchrotron_site       SSRL 
_diffrn_source.pdbx_synchrotron_beamline   BL11-1 
_diffrn_source.pdbx_wavelength             ? 
_diffrn_source.pdbx_wavelength_list        '0.9790, 0.9793, 0.9184' 
# 
_reflns.entry_id                     3B5D 
_reflns.observed_criterion_sigma_F   0 
_reflns.observed_criterion_sigma_I   0 
_reflns.d_resolution_high            3.0 
_reflns.d_resolution_low             50 
_reflns.number_all                   3077 
_reflns.number_obs                   3077 
_reflns.percent_possible_obs         92 
_reflns.pdbx_Rmerge_I_obs            ? 
_reflns.pdbx_Rsym_value              0.067 
_reflns.pdbx_netI_over_sigmaI        22.6 
_reflns.B_iso_Wilson_estimate        44.4 
_reflns.pdbx_redundancy              3.1 
_reflns.R_free_details               ? 
_reflns.limit_h_max                  ? 
_reflns.limit_h_min                  ? 
_reflns.limit_k_max                  ? 
_reflns.limit_k_min                  ? 
_reflns.limit_l_max                  ? 
_reflns.limit_l_min                  ? 
_reflns.observed_criterion_F_max     ? 
_reflns.observed_criterion_F_min     ? 
_reflns.pdbx_chi_squared             ? 
_reflns.pdbx_scaling_rejects         ? 
_reflns.pdbx_ordinal                 1 
_reflns.pdbx_diffrn_id               1 
# 
_reflns_shell.d_res_high             3.0 
_reflns_shell.d_res_low              3.11 
_reflns_shell.percent_possible_all   34.3 
_reflns_shell.Rmerge_I_obs           ? 
_reflns_shell.pdbx_Rsym_value        0.32 
_reflns_shell.meanI_over_sigI_obs    0.7 
_reflns_shell.pdbx_redundancy        1.4 
_reflns_shell.percent_possible_obs   ? 
_reflns_shell.number_unique_all      286 
_reflns_shell.number_measured_all    ? 
_reflns_shell.number_measured_obs    ? 
_reflns_shell.number_unique_obs      ? 
_reflns_shell.pdbx_chi_squared       ? 
_reflns_shell.pdbx_ordinal           1 
_reflns_shell.pdbx_diffrn_id         1 
# 
_refine.entry_id                                 3B5D 
_refine.ls_d_res_high                            3.8 
_refine.ls_d_res_low                             20 
_refine.pdbx_ls_sigma_F                          0 
_refine.pdbx_ls_sigma_I                          0 
_refine.ls_number_reflns_all                     3680 
_refine.ls_number_reflns_obs                     3077 
_refine.ls_number_reflns_R_free                  335 
_refine.ls_percent_reflns_obs                    83.6 
_refine.ls_R_factor_all                          ? 
_refine.ls_R_factor_obs                          ? 
_refine.ls_R_factor_R_work                       0.325 
_refine.ls_R_factor_R_free                       0.364 
_refine.ls_redundancy_reflns_obs                 ? 
_refine.pdbx_data_cutoff_high_absF               ? 
_refine.pdbx_data_cutoff_low_absF                ? 
_refine.ls_number_parameters                     ? 
_refine.ls_number_restraints                     ? 
_refine.ls_percent_reflns_R_free                 ? 
_refine.ls_R_factor_R_free_error                 ? 
_refine.ls_R_factor_R_free_error_details         ? 
_refine.pdbx_method_to_determine_struct          MAD 
_refine.pdbx_starting_model                      ? 
_refine.pdbx_ls_cross_valid_method               THROUGHOUT 
_refine.pdbx_R_Free_selection_details            RANDOM 
_refine.pdbx_stereochem_target_val_spec_case     ? 
_refine.pdbx_stereochemistry_target_values       ? 
_refine.solvent_model_details                    ? 
_refine.solvent_model_param_bsol                 ? 
_refine.solvent_model_param_ksol                 ? 
_refine.occupancy_max                            ? 
_refine.occupancy_min                            ? 
_refine.pdbx_isotropic_thermal_model             RESTRAINED 
_refine.B_iso_mean                               201 
_refine.aniso_B[1][1]                            23.57 
_refine.aniso_B[1][2]                            0.00 
_refine.aniso_B[1][3]                            50.87 
_refine.aniso_B[2][2]                            64.33 
_refine.aniso_B[2][3]                            0.00 
_refine.aniso_B[3][3]                            -87.89 
_refine.details                                  ? 
_refine.B_iso_min                                ? 
_refine.B_iso_max                                ? 
_refine.correlation_coeff_Fo_to_Fc               ? 
_refine.correlation_coeff_Fo_to_Fc_free          ? 
_refine.pdbx_solvent_vdw_probe_radii             ? 
_refine.pdbx_solvent_ion_probe_radii             ? 
_refine.pdbx_solvent_shrinkage_radii             ? 
_refine.overall_SU_R_Cruickshank_DPI             ? 
_refine.overall_SU_R_free                        ? 
_refine.overall_SU_ML                            ? 
_refine.overall_SU_B                             ? 
_refine.pdbx_overall_ESU_R_Free                  ? 
_refine.pdbx_data_cutoff_high_rms_absF           ? 
_refine.pdbx_overall_ESU_R                       ? 
_refine.ls_wR_factor_R_free                      ? 
_refine.ls_wR_factor_R_work                      ? 
_refine.overall_FOM_free_R_set                   ? 
_refine.overall_FOM_work_R_set                   ? 
_refine.pdbx_refine_id                           'X-RAY DIFFRACTION' 
_refine.pdbx_diffrn_id                           1 
_refine.pdbx_TLS_residual_ADP_flag               ? 
_refine.pdbx_overall_phase_error                 ? 
_refine.pdbx_overall_SU_R_free_Cruickshank_DPI   ? 
_refine.pdbx_overall_SU_R_Blow_DPI               ? 
_refine.pdbx_overall_SU_R_free_Blow_DPI          ? 
# 
_refine_analyze.entry_id                        3B5D 
_refine_analyze.Luzzati_coordinate_error_obs    ? 
_refine_analyze.Luzzati_sigma_a_obs             ? 
_refine_analyze.Luzzati_d_res_low_obs           20 
_refine_analyze.Luzzati_coordinate_error_free   0.92 
_refine_analyze.Luzzati_sigma_a_free            1.02 
_refine_analyze.Luzzati_d_res_low_free          ? 
_refine_analyze.number_disordered_residues      ? 
_refine_analyze.occupancy_sum_non_hydrogen      ? 
_refine_analyze.occupancy_sum_hydrogen          ? 
_refine_analyze.pdbx_Luzzati_d_res_high_obs     ? 
_refine_analyze.pdbx_refine_id                  'X-RAY DIFFRACTION' 
# 
_refine_hist.pdbx_refine_id                   'X-RAY DIFFRACTION' 
_refine_hist.cycle_id                         LAST 
_refine_hist.pdbx_number_atoms_protein        199 
_refine_hist.pdbx_number_atoms_nucleic_acid   0 
_refine_hist.pdbx_number_atoms_ligand         25 
_refine_hist.number_atoms_solvent             0 
_refine_hist.number_atoms_total               224 
_refine_hist.d_res_high                       3.8 
_refine_hist.d_res_low                        20 
# 
loop_
_refine_ls_restr.type 
_refine_ls_restr.dev_ideal 
_refine_ls_restr.dev_ideal_target 
_refine_ls_restr.weight 
_refine_ls_restr.number 
_refine_ls_restr.pdbx_refine_id 
_refine_ls_restr.pdbx_restraint_function 
c_angle_deg          2.0   ? ? ? 'X-RAY DIFFRACTION' ? 
c_bond_d             0.012 ? ? ? 'X-RAY DIFFRACTION' ? 
c_dihedral_angle_deg 21.4  ? ? ? 'X-RAY DIFFRACTION' ? 
c_improper_angle_deg 1.35  ? ? ? 'X-RAY DIFFRACTION' ? 
# 
_refine_ls_shell.pdbx_total_number_of_bins_used   ? 
_refine_ls_shell.d_res_high                       3.8 
_refine_ls_shell.d_res_low                        4.04 
_refine_ls_shell.number_reflns_R_work             ? 
_refine_ls_shell.R_factor_R_work                  0.468 
_refine_ls_shell.percent_reflns_obs               55.7 
_refine_ls_shell.R_factor_R_free                  0.512 
_refine_ls_shell.R_factor_R_free_error            0.077 
_refine_ls_shell.percent_reflns_R_free            ? 
_refine_ls_shell.number_reflns_R_free             44 
_refine_ls_shell.number_reflns_all                ? 
_refine_ls_shell.R_factor_all                     ? 
_refine_ls_shell.number_reflns_obs                286 
_refine_ls_shell.redundancy_reflns_obs            ? 
_refine_ls_shell.pdbx_refine_id                   'X-RAY DIFFRACTION' 
# 
_struct.entry_id                  3B5D 
_struct.title                     'EmrE multidrug transporter in complex with TPP, C2 crystal form' 
_struct.pdbx_model_details        ? 
_struct.pdbx_CASP_flag            N 
_struct.pdbx_model_type_details   ? 
# 
_struct_keywords.entry_id        3B5D 
_struct_keywords.pdbx_keywords   'MEMBRANE PROTEIN' 
_struct_keywords.text            
;HELICAL MEMBRANE PROTEIN, MULTIDRUG RESISTANCE TRANSPORTER, SMR, Antiport, Inner membrane, Transmembrane, Joint Center for Innovative Membrane Protein Technologies, MEMBRANE PROTEIN
;
# 
loop_
_struct_asym.id 
_struct_asym.pdbx_blank_PDB_chainid_flag 
_struct_asym.pdbx_modified 
_struct_asym.entity_id 
_struct_asym.details 
A N N 1 ? 
B N N 1 ? 
C N N 2 ? 
# 
_struct_ref.id                         1 
_struct_ref.db_name                    UNP 
_struct_ref.db_code                    EMRE_ECOLI 
_struct_ref.pdbx_db_accession          P23895 
_struct_ref.entity_id                  1 
_struct_ref.pdbx_seq_one_letter_code   
;MNPYIYLGGAILAEVIGTTLMKFSEGFTRLWPSVGTIICYCASFWLLAQTLAYIPTGIAYAIWSGVGIVLISLLSWGFFG
QRLDLPAIIGMMLICAGVLIINLLSRSTPH
;
_struct_ref.pdbx_align_begin           1 
_struct_ref.pdbx_db_isoform            ? 
# 
loop_
_struct_ref_seq.align_id 
_struct_ref_seq.ref_id 
_struct_ref_seq.pdbx_PDB_id_code 
_struct_ref_seq.pdbx_strand_id 
_struct_ref_seq.seq_align_beg 
_struct_ref_seq.pdbx_seq_align_beg_ins_code 
_struct_ref_seq.seq_align_end 
_struct_ref_seq.pdbx_seq_align_end_ins_code 
_struct_ref_seq.pdbx_db_accession 
_struct_ref_seq.db_align_beg 
_struct_ref_seq.pdbx_db_align_beg_ins_code 
_struct_ref_seq.db_align_end 
_struct_ref_seq.pdbx_db_align_end_ins_code 
_struct_ref_seq.pdbx_auth_seq_align_beg 
_struct_ref_seq.pdbx_auth_seq_align_end 
1 1 3B5D A 1 ? 110 ? P23895 1 ? 110 ? 1 110 
2 1 3B5D B 1 ? 110 ? P23895 1 ? 110 ? 1 110 
# 
_pdbx_struct_assembly.id                   1 
_pdbx_struct_assembly.details              author_defined_assembly 
_pdbx_struct_assembly.method_details       ? 
_pdbx_struct_assembly.oligomeric_details   dimeric 
_pdbx_struct_assembly.oligomeric_count     2 
# 
_pdbx_struct_assembly_gen.assembly_id       1 
_pdbx_struct_assembly_gen.oper_expression   1 
_pdbx_struct_assembly_gen.asym_id_list      A,B,C 
# 
_pdbx_struct_oper_list.id                   1 
_pdbx_struct_oper_list.type                 'identity operation' 
_pdbx_struct_oper_list.name                 1_555 
_pdbx_struct_oper_list.symmetry_operation   x,y,z 
_pdbx_struct_oper_list.matrix[1][1]         1.0000000000 
_pdbx_struct_oper_list.matrix[1][2]         0.0000000000 
_pdbx_struct_oper_list.matrix[1][3]         0.0000000000 
_pdbx_struct_oper_list.vector[1]            0.0000000000 
_pdbx_struct_oper_list.matrix[2][1]         0.0000000000 
_pdbx_struct_oper_list.matrix[2][2]         1.0000000000 
_pdbx_struct_oper_list.matrix[2][3]         0.0000000000 
_pdbx_struct_oper_list.vector[2]            0.0000000000 
_pdbx_struct_oper_list.matrix[3][1]         0.0000000000 
_pdbx_struct_oper_list.matrix[3][2]         0.0000000000 
_pdbx_struct_oper_list.matrix[3][3]         1.0000000000 
_pdbx_struct_oper_list.vector[3]            0.0000000000 
# 
_struct_biol.id   1 
# 
_struct_site.id                   AC1 
_struct_site.pdbx_evidence_code   Software 
_struct_site.pdbx_auth_asym_id    A 
_struct_site.pdbx_auth_comp_id    P4P 
_struct_site.pdbx_auth_seq_id     350 
_struct_site.pdbx_auth_ins_code   ? 
_struct_site.pdbx_num_residues    1 
_struct_site.details              'BINDING SITE FOR RESIDUE P4P A 350' 
# 
_struct_site_gen.id                   1 
_struct_site_gen.site_id              AC1 
_struct_site_gen.pdbx_num_res         1 
_struct_site_gen.label_comp_id        PHE 
_struct_site_gen.label_asym_id        A 
_struct_site_gen.label_seq_id         44 
_struct_site_gen.pdbx_auth_ins_code   ? 
_struct_site_gen.auth_comp_id         PHE 
_struct_site_gen.auth_asym_id         A 
_struct_site_gen.auth_seq_id          44 
_struct_site_gen.label_atom_id        . 
_struct_site_gen.label_alt_id         ? 
_struct_site_gen.symmetry             1_555 
_struct_site_gen.details              ? 
# 
loop_
_pdbx_unobs_or_zero_occ_residues.id 
_pdbx_unobs_or_zero_occ_residues.PDB_model_num 
_pdbx_unobs_or_zero_occ_residues.polymer_flag 
_pdbx_unobs_or_zero_occ_residues.occupancy_flag 
_pdbx_unobs_or_zero_occ_residues.auth_asym_id 
_pdbx_unobs_or_zero_occ_residues.auth_comp_id 
_pdbx_unobs_or_zero_occ_residues.auth_seq_id 
_pdbx_unobs_or_zero_occ_residues.PDB_ins_code 
_pdbx_unobs_or_zero_occ_residues.label_asym_id 
_pdbx_unobs_or_zero_occ_residues.label_comp_id 
_pdbx_unobs_or_zero_occ_residues.label_seq_id 
1  1 Y 1 A MET 1   ? A MET 1   
2  1 Y 1 A ASN 2   ? A ASN 2   
3  1 Y 1 A PRO 3   ? A PRO 3   
4  1 Y 1 A TYR 4   ? A TYR 4   
5  1 Y 1 A ILE 5   ? A ILE 5   
6  1 Y 1 A ARG 106 ? A ARG 106 
7  1 Y 1 A SER 107 ? A SER 107 
8  1 Y 1 A THR 108 ? A THR 108 
9  1 Y 1 A PRO 109 ? A PRO 109 
10 1 Y 1 A HIS 110 ? A HIS 110 
11 1 Y 1 B MET 1   ? B MET 1   
12 1 Y 1 B ASN 2   ? B ASN 2   
13 1 Y 1 B PRO 3   ? B PRO 3   
14 1 Y 1 B LEU 103 ? B LEU 103 
15 1 Y 1 B LEU 104 ? B LEU 104 
16 1 Y 1 B SER 105 ? B SER 105 
17 1 Y 1 B ARG 106 ? B ARG 106 
18 1 Y 1 B SER 107 ? B SER 107 
19 1 Y 1 B THR 108 ? B THR 108 
20 1 Y 1 B PRO 109 ? B PRO 109 
21 1 Y 1 B HIS 110 ? B HIS 110 
# 
loop_
_chem_comp_atom.comp_id 
_chem_comp_atom.atom_id 
_chem_comp_atom.type_symbol 
_chem_comp_atom.pdbx_aromatic_flag 
_chem_comp_atom.pdbx_stereo_config 
_chem_comp_atom.pdbx_ordinal 
ALA N    N N N 1   
ALA CA   C N S 2   
ALA C    C N N 3   
ALA O    O N N 4   
ALA CB   C N N 5   
ALA OXT  O N N 6   
ALA H    H N N 7   
ALA H2   H N N 8   
ALA HA   H N N 9   
ALA HB1  H N N 10  
ALA HB2  H N N 11  
ALA HB3  H N N 12  
ALA HXT  H N N 13  
ARG N    N N N 14  
ARG CA   C N S 15  
ARG C    C N N 16  
ARG O    O N N 17  
ARG CB   C N N 18  
ARG CG   C N N 19  
ARG CD   C N N 20  
ARG NE   N N N 21  
ARG CZ   C N N 22  
ARG NH1  N N N 23  
ARG NH2  N N N 24  
ARG OXT  O N N 25  
ARG H    H N N 26  
ARG H2   H N N 27  
ARG HA   H N N 28  
ARG HB2  H N N 29  
ARG HB3  H N N 30  
ARG HG2  H N N 31  
ARG HG3  H N N 32  
ARG HD2  H N N 33  
ARG HD3  H N N 34  
ARG HE   H N N 35  
ARG HH11 H N N 36  
ARG HH12 H N N 37  
ARG HH21 H N N 38  
ARG HH22 H N N 39  
ARG HXT  H N N 40  
ASN N    N N N 41  
ASN CA   C N S 42  
ASN C    C N N 43  
ASN O    O N N 44  
ASN CB   C N N 45  
ASN CG   C N N 46  
ASN OD1  O N N 47  
ASN ND2  N N N 48  
ASN OXT  O N N 49  
ASN H    H N N 50  
ASN H2   H N N 51  
ASN HA   H N N 52  
ASN HB2  H N N 53  
ASN HB3  H N N 54  
ASN HD21 H N N 55  
ASN HD22 H N N 56  
ASN HXT  H N N 57  
ASP N    N N N 58  
ASP CA   C N S 59  
ASP C    C N N 60  
ASP O    O N N 61  
ASP CB   C N N 62  
ASP CG   C N N 63  
ASP OD1  O N N 64  
ASP OD2  O N N 65  
ASP OXT  O N N 66  
ASP H    H N N 67  
ASP H2   H N N 68  
ASP HA   H N N 69  
ASP HB2  H N N 70  
ASP HB3  H N N 71  
ASP HD2  H N N 72  
ASP HXT  H N N 73  
CYS N    N N N 74  
CYS CA   C N R 75  
CYS C    C N N 76  
CYS O    O N N 77  
CYS CB   C N N 78  
CYS SG   S N N 79  
CYS OXT  O N N 80  
CYS H    H N N 81  
CYS H2   H N N 82  
CYS HA   H N N 83  
CYS HB2  H N N 84  
CYS HB3  H N N 85  
CYS HG   H N N 86  
CYS HXT  H N N 87  
GLN N    N N N 88  
GLN CA   C N S 89  
GLN C    C N N 90  
GLN O    O N N 91  
GLN CB   C N N 92  
GLN CG   C N N 93  
GLN CD   C N N 94  
GLN OE1  O N N 95  
GLN NE2  N N N 96  
GLN OXT  O N N 97  
GLN H    H N N 98  
GLN H2   H N N 99  
GLN HA   H N N 100 
GLN HB2  H N N 101 
GLN HB3  H N N 102 
GLN HG2  H N N 103 
GLN HG3  H N N 104 
GLN HE21 H N N 105 
GLN HE22 H N N 106 
GLN HXT  H N N 107 
GLU N    N N N 108 
GLU CA   C N S 109 
GLU C    C N N 110 
GLU O    O N N 111 
GLU CB   C N N 112 
GLU CG   C N N 113 
GLU CD   C N N 114 
GLU OE1  O N N 115 
GLU OE2  O N N 116 
GLU OXT  O N N 117 
GLU H    H N N 118 
GLU H2   H N N 119 
GLU HA   H N N 120 
GLU HB2  H N N 121 
GLU HB3  H N N 122 
GLU HG2  H N N 123 
GLU HG3  H N N 124 
GLU HE2  H N N 125 
GLU HXT  H N N 126 
GLY N    N N N 127 
GLY CA   C N N 128 
GLY C    C N N 129 
GLY O    O N N 130 
GLY OXT  O N N 131 
GLY H    H N N 132 
GLY H2   H N N 133 
GLY HA2  H N N 134 
GLY HA3  H N N 135 
GLY HXT  H N N 136 
HIS N    N N N 137 
HIS CA   C N S 138 
HIS C    C N N 139 
HIS O    O N N 140 
HIS CB   C N N 141 
HIS CG   C Y N 142 
HIS ND1  N Y N 143 
HIS CD2  C Y N 144 
HIS CE1  C Y N 145 
HIS NE2  N Y N 146 
HIS OXT  O N N 147 
HIS H    H N N 148 
HIS H2   H N N 149 
HIS HA   H N N 150 
HIS HB2  H N N 151 
HIS HB3  H N N 152 
HIS HD1  H N N 153 
HIS HD2  H N N 154 
HIS HE1  H N N 155 
HIS HE2  H N N 156 
HIS HXT  H N N 157 
ILE N    N N N 158 
ILE CA   C N S 159 
ILE C    C N N 160 
ILE O    O N N 161 
ILE CB   C N S 162 
ILE CG1  C N N 163 
ILE CG2  C N N 164 
ILE CD1  C N N 165 
ILE OXT  O N N 166 
ILE H    H N N 167 
ILE H2   H N N 168 
ILE HA   H N N 169 
ILE HB   H N N 170 
ILE HG12 H N N 171 
ILE HG13 H N N 172 
ILE HG21 H N N 173 
ILE HG22 H N N 174 
ILE HG23 H N N 175 
ILE HD11 H N N 176 
ILE HD12 H N N 177 
ILE HD13 H N N 178 
ILE HXT  H N N 179 
LEU N    N N N 180 
LEU CA   C N S 181 
LEU C    C N N 182 
LEU O    O N N 183 
LEU CB   C N N 184 
LEU CG   C N N 185 
LEU CD1  C N N 186 
LEU CD2  C N N 187 
LEU OXT  O N N 188 
LEU H    H N N 189 
LEU H2   H N N 190 
LEU HA   H N N 191 
LEU HB2  H N N 192 
LEU HB3  H N N 193 
LEU HG   H N N 194 
LEU HD11 H N N 195 
LEU HD12 H N N 196 
LEU HD13 H N N 197 
LEU HD21 H N N 198 
LEU HD22 H N N 199 
LEU HD23 H N N 200 
LEU HXT  H N N 201 
LYS N    N N N 202 
LYS CA   C N S 203 
LYS C    C N N 204 
LYS O    O N N 205 
LYS CB   C N N 206 
LYS CG   C N N 207 
LYS CD   C N N 208 
LYS CE   C N N 209 
LYS NZ   N N N 210 
LYS OXT  O N N 211 
LYS H    H N N 212 
LYS H2   H N N 213 
LYS HA   H N N 214 
LYS HB2  H N N 215 
LYS HB3  H N N 216 
LYS HG2  H N N 217 
LYS HG3  H N N 218 
LYS HD2  H N N 219 
LYS HD3  H N N 220 
LYS HE2  H N N 221 
LYS HE3  H N N 222 
LYS HZ1  H N N 223 
LYS HZ2  H N N 224 
LYS HZ3  H N N 225 
LYS HXT  H N N 226 
MET N    N N N 227 
MET CA   C N S 228 
MET C    C N N 229 
MET O    O N N 230 
MET CB   C N N 231 
MET CG   C N N 232 
MET SD   S N N 233 
MET CE   C N N 234 
MET OXT  O N N 235 
MET H    H N N 236 
MET H2   H N N 237 
MET HA   H N N 238 
MET HB2  H N N 239 
MET HB3  H N N 240 
MET HG2  H N N 241 
MET HG3  H N N 242 
MET HE1  H N N 243 
MET HE2  H N N 244 
MET HE3  H N N 245 
MET HXT  H N N 246 
P4P P    P N N 247 
P4P C1A  C Y N 248 
P4P C2A  C Y N 249 
P4P C3A  C Y N 250 
P4P C4A  C Y N 251 
P4P C5A  C Y N 252 
P4P C6A  C Y N 253 
P4P C1C  C Y N 254 
P4P C6C  C Y N 255 
P4P C5C  C Y N 256 
P4P C4C  C Y N 257 
P4P C3C  C Y N 258 
P4P C2C  C Y N 259 
P4P C1D  C Y N 260 
P4P C6D  C Y N 261 
P4P C5D  C Y N 262 
P4P C4D  C Y N 263 
P4P C3D  C Y N 264 
P4P C2D  C Y N 265 
P4P C6B  C Y N 266 
P4P C5B  C Y N 267 
P4P C4B  C Y N 268 
P4P C3B  C Y N 269 
P4P C2B  C Y N 270 
P4P C1B  C Y N 271 
P4P H2A  H N N 272 
P4P H3A  H N N 273 
P4P H4A  H N N 274 
P4P H5A  H N N 275 
P4P H6A  H N N 276 
P4P H6C  H N N 277 
P4P H5C  H N N 278 
P4P H4C  H N N 279 
P4P H3C  H N N 280 
P4P H2C  H N N 281 
P4P H6D  H N N 282 
P4P H5D  H N N 283 
P4P H4D  H N N 284 
P4P H3D  H N N 285 
P4P H2D  H N N 286 
P4P H6B  H N N 287 
P4P H5B  H N N 288 
P4P H4B  H N N 289 
P4P H3B  H N N 290 
P4P H2B  H N N 291 
PHE N    N N N 292 
PHE CA   C N S 293 
PHE C    C N N 294 
PHE O    O N N 295 
PHE CB   C N N 296 
PHE CG   C Y N 297 
PHE CD1  C Y N 298 
PHE CD2  C Y N 299 
PHE CE1  C Y N 300 
PHE CE2  C Y N 301 
PHE CZ   C Y N 302 
PHE OXT  O N N 303 
PHE H    H N N 304 
PHE H2   H N N 305 
PHE HA   H N N 306 
PHE HB2  H N N 307 
PHE HB3  H N N 308 
PHE HD1  H N N 309 
PHE HD2  H N N 310 
PHE HE1  H N N 311 
PHE HE2  H N N 312 
PHE HZ   H N N 313 
PHE HXT  H N N 314 
PRO N    N N N 315 
PRO CA   C N S 316 
PRO C    C N N 317 
PRO O    O N N 318 
PRO CB   C N N 319 
PRO CG   C N N 320 
PRO CD   C N N 321 
PRO OXT  O N N 322 
PRO H    H N N 323 
PRO HA   H N N 324 
PRO HB2  H N N 325 
PRO HB3  H N N 326 
PRO HG2  H N N 327 
PRO HG3  H N N 328 
PRO HD2  H N N 329 
PRO HD3  H N N 330 
PRO HXT  H N N 331 
SER N    N N N 332 
SER CA   C N S 333 
SER C    C N N 334 
SER O    O N N 335 
SER CB   C N N 336 
SER OG   O N N 337 
SER OXT  O N N 338 
SER H    H N N 339 
SER H2   H N N 340 
SER HA   H N N 341 
SER HB2  H N N 342 
SER HB3  H N N 343 
SER HG   H N N 344 
SER HXT  H N N 345 
THR N    N N N 346 
THR CA   C N S 347 
THR C    C N N 348 
THR O    O N N 349 
THR CB   C N R 350 
THR OG1  O N N 351 
THR CG2  C N N 352 
THR OXT  O N N 353 
THR H    H N N 354 
THR H2   H N N 355 
THR HA   H N N 356 
THR HB   H N N 357 
THR HG1  H N N 358 
THR HG21 H N N 359 
THR HG22 H N N 360 
THR HG23 H N N 361 
THR HXT  H N N 362 
TRP N    N N N 363 
TRP CA   C N S 364 
TRP C    C N N 365 
TRP O    O N N 366 
TRP CB   C N N 367 
TRP CG   C Y N 368 
TRP CD1  C Y N 369 
TRP CD2  C Y N 370 
TRP NE1  N Y N 371 
TRP CE2  C Y N 372 
TRP CE3  C Y N 373 
TRP CZ2  C Y N 374 
TRP CZ3  C Y N 375 
TRP CH2  C Y N 376 
TRP OXT  O N N 377 
TRP H    H N N 378 
TRP H2   H N N 379 
TRP HA   H N N 380 
TRP HB2  H N N 381 
TRP HB3  H N N 382 
TRP HD1  H N N 383 
TRP HE1  H N N 384 
TRP HE3  H N N 385 
TRP HZ2  H N N 386 
TRP HZ3  H N N 387 
TRP HH2  H N N 388 
TRP HXT  H N N 389 
TYR N    N N N 390 
TYR CA   C N S 391 
TYR C    C N N 392 
TYR O    O N N 393 
TYR CB   C N N 394 
TYR CG   C Y N 395 
TYR CD1  C Y N 396 
TYR CD2  C Y N 397 
TYR CE1  C Y N 398 
TYR CE2  C Y N 399 
TYR CZ   C Y N 400 
TYR OH   O N N 401 
TYR OXT  O N N 402 
TYR H    H N N 403 
TYR H2   H N N 404 
TYR HA   H N N 405 
TYR HB2  H N N 406 
TYR HB3  H N N 407 
TYR HD1  H N N 408 
TYR HD2  H N N 409 
TYR HE1  H N N 410 
TYR HE2  H N N 411 
TYR HH   H N N 412 
TYR HXT  H N N 413 
VAL N    N N N 414 
VAL CA   C N S 415 
VAL C    C N N 416 
VAL O    O N N 417 
VAL CB   C N N 418 
VAL CG1  C N N 419 
VAL CG2  C N N 420 
VAL OXT  O N N 421 
VAL H    H N N 422 
VAL H2   H N N 423 
VAL HA   H N N 424 
VAL HB   H N N 425 
VAL HG11 H N N 426 
VAL HG12 H N N 427 
VAL HG13 H N N 428 
VAL HG21 H N N 429 
VAL HG22 H N N 430 
VAL HG23 H N N 431 
VAL HXT  H N N 432 
# 
loop_
_chem_comp_bond.comp_id 
_chem_comp_bond.atom_id_1 
_chem_comp_bond.atom_id_2 
_chem_comp_bond.value_order 
_chem_comp_bond.pdbx_aromatic_flag 
_chem_comp_bond.pdbx_stereo_config 
_chem_comp_bond.pdbx_ordinal 
ALA N   CA   sing N N 1   
ALA N   H    sing N N 2   
ALA N   H2   sing N N 3   
ALA CA  C    sing N N 4   
ALA CA  CB   sing N N 5   
ALA CA  HA   sing N N 6   
ALA C   O    doub N N 7   
ALA C   OXT  sing N N 8   
ALA CB  HB1  sing N N 9   
ALA CB  HB2  sing N N 10  
ALA CB  HB3  sing N N 11  
ALA OXT HXT  sing N N 12  
ARG N   CA   sing N N 13  
ARG N   H    sing N N 14  
ARG N   H2   sing N N 15  
ARG CA  C    sing N N 16  
ARG CA  CB   sing N N 17  
ARG CA  HA   sing N N 18  
ARG C   O    doub N N 19  
ARG C   OXT  sing N N 20  
ARG CB  CG   sing N N 21  
ARG CB  HB2  sing N N 22  
ARG CB  HB3  sing N N 23  
ARG CG  CD   sing N N 24  
ARG CG  HG2  sing N N 25  
ARG CG  HG3  sing N N 26  
ARG CD  NE   sing N N 27  
ARG CD  HD2  sing N N 28  
ARG CD  HD3  sing N N 29  
ARG NE  CZ   sing N N 30  
ARG NE  HE   sing N N 31  
ARG CZ  NH1  sing N N 32  
ARG CZ  NH2  doub N N 33  
ARG NH1 HH11 sing N N 34  
ARG NH1 HH12 sing N N 35  
ARG NH2 HH21 sing N N 36  
ARG NH2 HH22 sing N N 37  
ARG OXT HXT  sing N N 38  
ASN N   CA   sing N N 39  
ASN N   H    sing N N 40  
ASN N   H2   sing N N 41  
ASN CA  C    sing N N 42  
ASN CA  CB   sing N N 43  
ASN CA  HA   sing N N 44  
ASN C   O    doub N N 45  
ASN C   OXT  sing N N 46  
ASN CB  CG   sing N N 47  
ASN CB  HB2  sing N N 48  
ASN CB  HB3  sing N N 49  
ASN CG  OD1  doub N N 50  
ASN CG  ND2  sing N N 51  
ASN ND2 HD21 sing N N 52  
ASN ND2 HD22 sing N N 53  
ASN OXT HXT  sing N N 54  
ASP N   CA   sing N N 55  
ASP N   H    sing N N 56  
ASP N   H2   sing N N 57  
ASP CA  C    sing N N 58  
ASP CA  CB   sing N N 59  
ASP CA  HA   sing N N 60  
ASP C   O    doub N N 61  
ASP C   OXT  sing N N 62  
ASP CB  CG   sing N N 63  
ASP CB  HB2  sing N N 64  
ASP CB  HB3  sing N N 65  
ASP CG  OD1  doub N N 66  
ASP CG  OD2  sing N N 67  
ASP OD2 HD2  sing N N 68  
ASP OXT HXT  sing N N 69  
CYS N   CA   sing N N 70  
CYS N   H    sing N N 71  
CYS N   H2   sing N N 72  
CYS CA  C    sing N N 73  
CYS CA  CB   sing N N 74  
CYS CA  HA   sing N N 75  
CYS C   O    doub N N 76  
CYS C   OXT  sing N N 77  
CYS CB  SG   sing N N 78  
CYS CB  HB2  sing N N 79  
CYS CB  HB3  sing N N 80  
CYS SG  HG   sing N N 81  
CYS OXT HXT  sing N N 82  
GLN N   CA   sing N N 83  
GLN N   H    sing N N 84  
GLN N   H2   sing N N 85  
GLN CA  C    sing N N 86  
GLN CA  CB   sing N N 87  
GLN CA  HA   sing N N 88  
GLN C   O    doub N N 89  
GLN C   OXT  sing N N 90  
GLN CB  CG   sing N N 91  
GLN CB  HB2  sing N N 92  
GLN CB  HB3  sing N N 93  
GLN CG  CD   sing N N 94  
GLN CG  HG2  sing N N 95  
GLN CG  HG3  sing N N 96  
GLN CD  OE1  doub N N 97  
GLN CD  NE2  sing N N 98  
GLN NE2 HE21 sing N N 99  
GLN NE2 HE22 sing N N 100 
GLN OXT HXT  sing N N 101 
GLU N   CA   sing N N 102 
GLU N   H    sing N N 103 
GLU N   H2   sing N N 104 
GLU CA  C    sing N N 105 
GLU CA  CB   sing N N 106 
GLU CA  HA   sing N N 107 
GLU C   O    doub N N 108 
GLU C   OXT  sing N N 109 
GLU CB  CG   sing N N 110 
GLU CB  HB2  sing N N 111 
GLU CB  HB3  sing N N 112 
GLU CG  CD   sing N N 113 
GLU CG  HG2  sing N N 114 
GLU CG  HG3  sing N N 115 
GLU CD  OE1  doub N N 116 
GLU CD  OE2  sing N N 117 
GLU OE2 HE2  sing N N 118 
GLU OXT HXT  sing N N 119 
GLY N   CA   sing N N 120 
GLY N   H    sing N N 121 
GLY N   H2   sing N N 122 
GLY CA  C    sing N N 123 
GLY CA  HA2  sing N N 124 
GLY CA  HA3  sing N N 125 
GLY C   O    doub N N 126 
GLY C   OXT  sing N N 127 
GLY OXT HXT  sing N N 128 
HIS N   CA   sing N N 129 
HIS N   H    sing N N 130 
HIS N   H2   sing N N 131 
HIS CA  C    sing N N 132 
HIS CA  CB   sing N N 133 
HIS CA  HA   sing N N 134 
HIS C   O    doub N N 135 
HIS C   OXT  sing N N 136 
HIS CB  CG   sing N N 137 
HIS CB  HB2  sing N N 138 
HIS CB  HB3  sing N N 139 
HIS CG  ND1  sing Y N 140 
HIS CG  CD2  doub Y N 141 
HIS ND1 CE1  doub Y N 142 
HIS ND1 HD1  sing N N 143 
HIS CD2 NE2  sing Y N 144 
HIS CD2 HD2  sing N N 145 
HIS CE1 NE2  sing Y N 146 
HIS CE1 HE1  sing N N 147 
HIS NE2 HE2  sing N N 148 
HIS OXT HXT  sing N N 149 
ILE N   CA   sing N N 150 
ILE N   H    sing N N 151 
ILE N   H2   sing N N 152 
ILE CA  C    sing N N 153 
ILE CA  CB   sing N N 154 
ILE CA  HA   sing N N 155 
ILE C   O    doub N N 156 
ILE C   OXT  sing N N 157 
ILE CB  CG1  sing N N 158 
ILE CB  CG2  sing N N 159 
ILE CB  HB   sing N N 160 
ILE CG1 CD1  sing N N 161 
ILE CG1 HG12 sing N N 162 
ILE CG1 HG13 sing N N 163 
ILE CG2 HG21 sing N N 164 
ILE CG2 HG22 sing N N 165 
ILE CG2 HG23 sing N N 166 
ILE CD1 HD11 sing N N 167 
ILE CD1 HD12 sing N N 168 
ILE CD1 HD13 sing N N 169 
ILE OXT HXT  sing N N 170 
LEU N   CA   sing N N 171 
LEU N   H    sing N N 172 
LEU N   H2   sing N N 173 
LEU CA  C    sing N N 174 
LEU CA  CB   sing N N 175 
LEU CA  HA   sing N N 176 
LEU C   O    doub N N 177 
LEU C   OXT  sing N N 178 
LEU CB  CG   sing N N 179 
LEU CB  HB2  sing N N 180 
LEU CB  HB3  sing N N 181 
LEU CG  CD1  sing N N 182 
LEU CG  CD2  sing N N 183 
LEU CG  HG   sing N N 184 
LEU CD1 HD11 sing N N 185 
LEU CD1 HD12 sing N N 186 
LEU CD1 HD13 sing N N 187 
LEU CD2 HD21 sing N N 188 
LEU CD2 HD22 sing N N 189 
LEU CD2 HD23 sing N N 190 
LEU OXT HXT  sing N N 191 
LYS N   CA   sing N N 192 
LYS N   H    sing N N 193 
LYS N   H2   sing N N 194 
LYS CA  C    sing N N 195 
LYS CA  CB   sing N N 196 
LYS CA  HA   sing N N 197 
LYS C   O    doub N N 198 
LYS C   OXT  sing N N 199 
LYS CB  CG   sing N N 200 
LYS CB  HB2  sing N N 201 
LYS CB  HB3  sing N N 202 
LYS CG  CD   sing N N 203 
LYS CG  HG2  sing N N 204 
LYS CG  HG3  sing N N 205 
LYS CD  CE   sing N N 206 
LYS CD  HD2  sing N N 207 
LYS CD  HD3  sing N N 208 
LYS CE  NZ   sing N N 209 
LYS CE  HE2  sing N N 210 
LYS CE  HE3  sing N N 211 
LYS NZ  HZ1  sing N N 212 
LYS NZ  HZ2  sing N N 213 
LYS NZ  HZ3  sing N N 214 
LYS OXT HXT  sing N N 215 
MET N   CA   sing N N 216 
MET N   H    sing N N 217 
MET N   H2   sing N N 218 
MET CA  C    sing N N 219 
MET CA  CB   sing N N 220 
MET CA  HA   sing N N 221 
MET C   O    doub N N 222 
MET C   OXT  sing N N 223 
MET CB  CG   sing N N 224 
MET CB  HB2  sing N N 225 
MET CB  HB3  sing N N 226 
MET CG  SD   sing N N 227 
MET CG  HG2  sing N N 228 
MET CG  HG3  sing N N 229 
MET SD  CE   sing N N 230 
MET CE  HE1  sing N N 231 
MET CE  HE2  sing N N 232 
MET CE  HE3  sing N N 233 
MET OXT HXT  sing N N 234 
P4P P   C1A  sing N N 235 
P4P P   C1C  sing N N 236 
P4P P   C1D  sing N N 237 
P4P P   C1B  sing N N 238 
P4P C1A C2A  sing Y N 239 
P4P C1A C6A  doub Y N 240 
P4P C2A C3A  doub Y N 241 
P4P C2A H2A  sing N N 242 
P4P C3A C4A  sing Y N 243 
P4P C3A H3A  sing N N 244 
P4P C4A C5A  doub Y N 245 
P4P C4A H4A  sing N N 246 
P4P C5A C6A  sing Y N 247 
P4P C5A H5A  sing N N 248 
P4P C6A H6A  sing N N 249 
P4P C1C C6C  doub Y N 250 
P4P C1C C2C  sing Y N 251 
P4P C6C C5C  sing Y N 252 
P4P C6C H6C  sing N N 253 
P4P C5C C4C  doub Y N 254 
P4P C5C H5C  sing N N 255 
P4P C4C C3C  sing Y N 256 
P4P C4C H4C  sing N N 257 
P4P C3C C2C  doub Y N 258 
P4P C3C H3C  sing N N 259 
P4P C2C H2C  sing N N 260 
P4P C1D C6D  doub Y N 261 
P4P C1D C2D  sing Y N 262 
P4P C6D C5D  sing Y N 263 
P4P C6D H6D  sing N N 264 
P4P C5D C4D  doub Y N 265 
P4P C5D H5D  sing N N 266 
P4P C4D C3D  sing Y N 267 
P4P C4D H4D  sing N N 268 
P4P C3D C2D  doub Y N 269 
P4P C3D H3D  sing N N 270 
P4P C2D H2D  sing N N 271 
P4P C6B C5B  doub Y N 272 
P4P C6B C1B  sing Y N 273 
P4P C6B H6B  sing N N 274 
P4P C5B C4B  sing Y N 275 
P4P C5B H5B  sing N N 276 
P4P C4B C3B  doub Y N 277 
P4P C4B H4B  sing N N 278 
P4P C3B C2B  sing Y N 279 
P4P C3B H3B  sing N N 280 
P4P C2B C1B  doub Y N 281 
P4P C2B H2B  sing N N 282 
PHE N   CA   sing N N 283 
PHE N   H    sing N N 284 
PHE N   H2   sing N N 285 
PHE CA  C    sing N N 286 
PHE CA  CB   sing N N 287 
PHE CA  HA   sing N N 288 
PHE C   O    doub N N 289 
PHE C   OXT  sing N N 290 
PHE CB  CG   sing N N 291 
PHE CB  HB2  sing N N 292 
PHE CB  HB3  sing N N 293 
PHE CG  CD1  doub Y N 294 
PHE CG  CD2  sing Y N 295 
PHE CD1 CE1  sing Y N 296 
PHE CD1 HD1  sing N N 297 
PHE CD2 CE2  doub Y N 298 
PHE CD2 HD2  sing N N 299 
PHE CE1 CZ   doub Y N 300 
PHE CE1 HE1  sing N N 301 
PHE CE2 CZ   sing Y N 302 
PHE CE2 HE2  sing N N 303 
PHE CZ  HZ   sing N N 304 
PHE OXT HXT  sing N N 305 
PRO N   CA   sing N N 306 
PRO N   CD   sing N N 307 
PRO N   H    sing N N 308 
PRO CA  C    sing N N 309 
PRO CA  CB   sing N N 310 
PRO CA  HA   sing N N 311 
PRO C   O    doub N N 312 
PRO C   OXT  sing N N 313 
PRO CB  CG   sing N N 314 
PRO CB  HB2  sing N N 315 
PRO CB  HB3  sing N N 316 
PRO CG  CD   sing N N 317 
PRO CG  HG2  sing N N 318 
PRO CG  HG3  sing N N 319 
PRO CD  HD2  sing N N 320 
PRO CD  HD3  sing N N 321 
PRO OXT HXT  sing N N 322 
SER N   CA   sing N N 323 
SER N   H    sing N N 324 
SER N   H2   sing N N 325 
SER CA  C    sing N N 326 
SER CA  CB   sing N N 327 
SER CA  HA   sing N N 328 
SER C   O    doub N N 329 
SER C   OXT  sing N N 330 
SER CB  OG   sing N N 331 
SER CB  HB2  sing N N 332 
SER CB  HB3  sing N N 333 
SER OG  HG   sing N N 334 
SER OXT HXT  sing N N 335 
THR N   CA   sing N N 336 
THR N   H    sing N N 337 
THR N   H2   sing N N 338 
THR CA  C    sing N N 339 
THR CA  CB   sing N N 340 
THR CA  HA   sing N N 341 
THR C   O    doub N N 342 
THR C   OXT  sing N N 343 
THR CB  OG1  sing N N 344 
THR CB  CG2  sing N N 345 
THR CB  HB   sing N N 346 
THR OG1 HG1  sing N N 347 
THR CG2 HG21 sing N N 348 
THR CG2 HG22 sing N N 349 
THR CG2 HG23 sing N N 350 
THR OXT HXT  sing N N 351 
TRP N   CA   sing N N 352 
TRP N   H    sing N N 353 
TRP N   H2   sing N N 354 
TRP CA  C    sing N N 355 
TRP CA  CB   sing N N 356 
TRP CA  HA   sing N N 357 
TRP C   O    doub N N 358 
TRP C   OXT  sing N N 359 
TRP CB  CG   sing N N 360 
TRP CB  HB2  sing N N 361 
TRP CB  HB3  sing N N 362 
TRP CG  CD1  doub Y N 363 
TRP CG  CD2  sing Y N 364 
TRP CD1 NE1  sing Y N 365 
TRP CD1 HD1  sing N N 366 
TRP CD2 CE2  doub Y N 367 
TRP CD2 CE3  sing Y N 368 
TRP NE1 CE2  sing Y N 369 
TRP NE1 HE1  sing N N 370 
TRP CE2 CZ2  sing Y N 371 
TRP CE3 CZ3  doub Y N 372 
TRP CE3 HE3  sing N N 373 
TRP CZ2 CH2  doub Y N 374 
TRP CZ2 HZ2  sing N N 375 
TRP CZ3 CH2  sing Y N 376 
TRP CZ3 HZ3  sing N N 377 
TRP CH2 HH2  sing N N 378 
TRP OXT HXT  sing N N 379 
TYR N   CA   sing N N 380 
TYR N   H    sing N N 381 
TYR N   H2   sing N N 382 
TYR CA  C    sing N N 383 
TYR CA  CB   sing N N 384 
TYR CA  HA   sing N N 385 
TYR C   O    doub N N 386 
TYR C   OXT  sing N N 387 
TYR CB  CG   sing N N 388 
TYR CB  HB2  sing N N 389 
TYR CB  HB3  sing N N 390 
TYR CG  CD1  doub Y N 391 
TYR CG  CD2  sing Y N 392 
TYR CD1 CE1  sing Y N 393 
TYR CD1 HD1  sing N N 394 
TYR CD2 CE2  doub Y N 395 
TYR CD2 HD2  sing N N 396 
TYR CE1 CZ   doub Y N 397 
TYR CE1 HE1  sing N N 398 
TYR CE2 CZ   sing Y N 399 
TYR CE2 HE2  sing N N 400 
TYR CZ  OH   sing N N 401 
TYR OH  HH   sing N N 402 
TYR OXT HXT  sing N N 403 
VAL N   CA   sing N N 404 
VAL N   H    sing N N 405 
VAL N   H2   sing N N 406 
VAL CA  C    sing N N 407 
VAL CA  CB   sing N N 408 
VAL CA  HA   sing N N 409 
VAL C   O    doub N N 410 
VAL C   OXT  sing N N 411 
VAL CB  CG1  sing N N 412 
VAL CB  CG2  sing N N 413 
VAL CB  HB   sing N N 414 
VAL CG1 HG11 sing N N 415 
VAL CG1 HG12 sing N N 416 
VAL CG1 HG13 sing N N 417 
VAL CG2 HG21 sing N N 418 
VAL CG2 HG22 sing N N 419 
VAL CG2 HG23 sing N N 420 
VAL OXT HXT  sing N N 421 
# 
loop_
_pdbx_coordinate_model.asym_id 
_pdbx_coordinate_model.type 
A 'CA ATOMS ONLY' 
B 'CA ATOMS ONLY' 
# 
_atom_sites.entry_id                    3B5D 
_atom_sites.fract_transf_matrix[1][1]   0.00073357 
_atom_sites.fract_transf_matrix[1][2]   0.00858614 
_atom_sites.fract_transf_matrix[1][3]   0.00304745 
_atom_sites.fract_transf_matrix[2][1]   0.01652748 
_atom_sites.fract_transf_matrix[2][2]   -0.00652899 
_atom_sites.fract_transf_matrix[2][3]   0.01441687 
_atom_sites.fract_transf_matrix[3][1]   0.00933448 
_atom_sites.fract_transf_matrix[3][2]   0.00650898 
_atom_sites.fract_transf_matrix[3][3]   -0.00775330 
_atom_sites.fract_transf_vector[1]      -0.014462 
_atom_sites.fract_transf_vector[2]      0.030406 
_atom_sites.fract_transf_vector[3]      -0.244569 
# 
loop_
_atom_type.symbol 
C 
P 
# 
loop_
_atom_site.group_PDB 
_atom_site.id 
_atom_site.type_symbol 
_atom_site.label_atom_id 
_atom_site.label_alt_id 
_atom_site.label_comp_id 
_atom_site.label_asym_id 
_atom_site.label_entity_id 
_atom_site.label_seq_id 
_atom_site.pdbx_PDB_ins_code 
_atom_site.Cartn_x 
_atom_site.Cartn_y 
_atom_site.Cartn_z 
_atom_site.occupancy 
_atom_site.B_iso_or_equiv 
_atom_site.pdbx_formal_charge 
_atom_site.auth_seq_id 
_atom_site.auth_comp_id 
_atom_site.auth_asym_id 
_atom_site.auth_atom_id 
_atom_site.pdbx_PDB_model_num 
ATOM   1   C CA  . TYR A 1 6   ? -7.683  -6.217  -14.140 1.00 148.04 ? 6   TYR A CA  1 
ATOM   2   C CA  . LEU A 1 7   ? -7.659  -8.679  -11.233 1.00 310.75 ? 7   LEU A CA  1 
ATOM   3   C CA  . GLY A 1 8   ? -4.812  -10.983 -12.187 1.00 158.95 ? 8   GLY A CA  1 
ATOM   4   C CA  . GLY A 1 9   ? -3.187  -7.936  -13.687 1.00 217.68 ? 9   GLY A CA  1 
ATOM   5   C CA  . ALA A 1 10  ? -3.743  -5.672  -10.716 1.00 239.12 ? 10  ALA A CA  1 
ATOM   6   C CA  . ILE A 1 11  ? -2.742  -8.468  -8.378  1.00 103.16 ? 11  ILE A CA  1 
ATOM   7   C CA  . LEU A 1 12  ? -0.035  -10.506 -10.114 1.00 230.80 ? 12  LEU A CA  1 
ATOM   8   C CA  . ALA A 1 13  ? 1.562   -7.072  -9.991  1.00 141.04 ? 13  ALA A CA  1 
ATOM   9   C CA  . GLU A 1 14  ? 1.105   -6.267  -6.306  1.00 156.36 ? 14  GLU A CA  1 
ATOM   10  C CA  . VAL A 1 15  ? 2.024   -9.952  -6.192  1.00 152.69 ? 15  VAL A CA  1 
ATOM   11  C CA  . ILE A 1 16  ? 5.542   -10.338 -7.441  1.00 136.51 ? 16  ILE A CA  1 
ATOM   12  C CA  . GLY A 1 17  ? 5.350   -6.843  -6.094  1.00 139.70 ? 17  GLY A CA  1 
ATOM   13  C CA  . THR A 1 18  ? 5.138   -7.993  -2.543  1.00 201.82 ? 18  THR A CA  1 
ATOM   14  C CA  . THR A 1 19  ? 7.333   -10.862 -3.780  1.00 171.84 ? 19  THR A CA  1 
ATOM   15  C CA  . LEU A 1 20  ? 10.532  -8.947  -4.464  1.00 104.29 ? 20  LEU A CA  1 
ATOM   16  C CA  . MET A 1 21  ? 10.000  -6.683  -1.491  1.00 310.75 ? 21  MET A CA  1 
ATOM   17  C CA  . LYS A 1 22  ? 10.114  -9.242  1.285   1.00 310.75 ? 22  LYS A CA  1 
ATOM   18  C CA  . PHE A 1 23  ? 12.630  -10.709 -1.189  1.00 180.90 ? 23  PHE A CA  1 
ATOM   19  C CA  . SER A 1 24  ? 16.155  -9.391  -0.529  1.00 177.11 ? 24  SER A CA  1 
ATOM   20  C CA  . GLU A 1 25  ? 14.539  -6.033  0.114   1.00 300.86 ? 25  GLU A CA  1 
ATOM   21  C CA  . GLY A 1 26  ? 17.766  -5.544  2.051   1.00 127.61 ? 26  GLY A CA  1 
ATOM   22  C CA  . PHE A 1 27  ? 19.455  -6.498  -1.161  1.00 209.29 ? 27  PHE A CA  1 
ATOM   23  C CA  . THR A 1 28  ? 19.069  -4.972  -4.601  1.00 296.60 ? 28  THR A CA  1 
ATOM   24  C CA  . ARG A 1 29  ? 22.306  -5.942  -6.427  1.00 223.96 ? 29  ARG A CA  1 
ATOM   25  C CA  . LEU A 1 30  ? 22.212  -8.732  -9.067  1.00 310.75 ? 30  LEU A CA  1 
ATOM   26  C CA  . TRP A 1 31  ? 19.267  -10.809 -10.456 1.00 167.71 ? 31  TRP A CA  1 
ATOM   27  C CA  . PRO A 1 32  ? 16.997  -10.554 -7.379  1.00 182.36 ? 32  PRO A CA  1 
ATOM   28  C CA  . SER A 1 33  ? 15.701  -6.985  -7.092  1.00 293.25 ? 33  SER A CA  1 
ATOM   29  C CA  . VAL A 1 34  ? 15.712  -5.574  -10.615 1.00 208.88 ? 34  VAL A CA  1 
ATOM   30  C CA  . GLY A 1 35  ? 14.258  -8.933  -11.642 1.00 199.90 ? 35  GLY A CA  1 
ATOM   31  C CA  . THR A 1 36  ? 11.028  -9.073  -9.654  1.00 154.79 ? 36  THR A CA  1 
ATOM   32  C CA  . ILE A 1 37  ? 11.223  -5.381  -10.240 1.00 113.75 ? 37  ILE A CA  1 
ATOM   33  C CA  . ILE A 1 38  ? 10.757  -5.887  -13.985 1.00 192.87 ? 38  ILE A CA  1 
ATOM   34  C CA  . CYS A 1 39  ? 7.439   -7.166  -12.671 1.00 189.38 ? 39  CYS A CA  1 
ATOM   35  C CA  . TYR A 1 40  ? 6.917   -4.084  -10.527 1.00 116.05 ? 40  TYR A CA  1 
ATOM   36  C CA  . CYS A 1 41  ? 7.383   -2.122  -13.719 1.00 165.39 ? 41  CYS A CA  1 
ATOM   37  C CA  . ALA A 1 42  ? 4.862   -4.189  -15.571 1.00 177.09 ? 42  ALA A CA  1 
ATOM   38  C CA  . SER A 1 43  ? 2.872   -3.465  -12.410 1.00 304.70 ? 43  SER A CA  1 
ATOM   39  C CA  . PHE A 1 44  ? 2.915   0.343   -12.429 1.00 310.75 ? 44  PHE A CA  1 
ATOM   40  C CA  . TRP A 1 45  ? 1.927   0.179   -16.081 1.00 251.70 ? 45  TRP A CA  1 
ATOM   41  C CA  . LEU A 1 46  ? -0.583  -2.596  -15.535 1.00 145.80 ? 46  LEU A CA  1 
ATOM   42  C CA  . LEU A 1 47  ? -2.302  -0.508  -12.890 1.00 181.07 ? 47  LEU A CA  1 
ATOM   43  C CA  . ALA A 1 48  ? -2.131  2.509   -15.137 1.00 199.24 ? 48  ALA A CA  1 
ATOM   44  C CA  . GLN A 1 49  ? -3.303  0.317   -18.048 1.00 260.93 ? 49  GLN A CA  1 
ATOM   45  C CA  . THR A 1 50  ? -6.124  -1.114  -15.991 1.00 232.54 ? 50  THR A CA  1 
ATOM   46  C CA  . LEU A 1 51  ? -6.752  2.390   -14.672 1.00 132.76 ? 51  LEU A CA  1 
ATOM   47  C CA  . ALA A 1 52  ? -9.054  2.295   -17.686 1.00 282.36 ? 52  ALA A CA  1 
ATOM   48  C CA  . TYR A 1 53  ? -12.816 1.774   -17.325 1.00 310.75 ? 53  TYR A CA  1 
ATOM   49  C CA  . ILE A 1 54  ? -12.642 2.590   -13.572 1.00 310.75 ? 54  ILE A CA  1 
ATOM   50  C CA  . PRO A 1 55  ? -10.637 5.311   -11.761 1.00 198.20 ? 55  PRO A CA  1 
ATOM   51  C CA  . THR A 1 56  ? -8.861  5.464   -8.363  1.00 269.50 ? 56  THR A CA  1 
ATOM   52  C CA  . GLY A 1 57  ? -11.256 4.195   -5.662  1.00 184.74 ? 57  GLY A CA  1 
ATOM   53  C CA  . ILE A 1 58  ? -12.516 0.617   -6.271  1.00 118.09 ? 58  ILE A CA  1 
ATOM   54  C CA  . ALA A 1 59  ? -9.358  -1.241  -7.005  1.00 165.26 ? 59  ALA A CA  1 
ATOM   55  C CA  . TYR A 1 60  ? -7.734  0.803   -4.202  1.00 252.03 ? 60  TYR A CA  1 
ATOM   56  C CA  . ALA A 1 61  ? -10.093 -1.254  -2.143  1.00 151.60 ? 61  ALA A CA  1 
ATOM   57  C CA  . ILE A 1 62  ? -9.612  -4.640  -3.764  1.00 160.02 ? 62  ILE A CA  1 
ATOM   58  C CA  . TRP A 1 63  ? -5.981  -3.926  -4.666  1.00 148.16 ? 63  TRP A CA  1 
ATOM   59  C CA  . SER A 1 64  ? -5.377  -3.527  -0.947  1.00 310.75 ? 64  SER A CA  1 
ATOM   60  C CA  . GLY A 1 65  ? -8.229  -6.025  -0.335  1.00 157.35 ? 65  GLY A CA  1 
ATOM   61  C CA  . VAL A 1 66  ? -7.499  -8.878  -2.705  1.00 216.52 ? 66  VAL A CA  1 
ATOM   62  C CA  . GLY A 1 67  ? -4.324  -7.132  -1.695  1.00 220.00 ? 67  GLY A CA  1 
ATOM   63  C CA  . ILE A 1 68  ? -4.847  -9.409  1.271   1.00 175.96 ? 68  ILE A CA  1 
ATOM   64  C CA  . VAL A 1 69  ? -4.944  -12.608 -0.771  1.00 141.12 ? 69  VAL A CA  1 
ATOM   65  C CA  . LEU A 1 70  ? -1.578  -11.110 -1.561  1.00 157.35 ? 70  LEU A CA  1 
ATOM   66  C CA  . ILE A 1 71  ? -1.195  -10.886 2.256   1.00 189.18 ? 71  ILE A CA  1 
ATOM   67  C CA  . SER A 1 72  ? -0.789  -14.654 2.168   1.00 144.33 ? 72  SER A CA  1 
ATOM   68  C CA  . LEU A 1 73  ? 1.471   -14.217 -0.851  1.00 178.66 ? 73  LEU A CA  1 
ATOM   69  C CA  . LEU A 1 74  ? 3.397   -11.645 1.231   1.00 179.50 ? 74  LEU A CA  1 
ATOM   70  C CA  . SER A 1 75  ? 4.132   -14.695 3.282   1.00 300.94 ? 75  SER A CA  1 
ATOM   71  C CA  . TRP A 1 76  ? 3.820   -17.017 0.268   1.00 224.84 ? 76  TRP A CA  1 
ATOM   72  C CA  . GLY A 1 77  ? 7.459   -17.052 1.352   1.00 310.75 ? 77  GLY A CA  1 
ATOM   73  C CA  . PHE A 1 78  ? 9.106   -16.127 4.716   1.00 310.75 ? 78  PHE A CA  1 
ATOM   74  C CA  . PHE A 1 79  ? 6.793   -16.890 7.653   1.00 236.14 ? 79  PHE A CA  1 
ATOM   75  C CA  . GLY A 1 80  ? 8.046   -14.377 10.198  1.00 251.12 ? 80  GLY A CA  1 
ATOM   76  C CA  . GLN A 1 81  ? 4.878   -14.141 12.322  1.00 235.29 ? 81  GLN A CA  1 
ATOM   77  C CA  . ARG A 1 82  ? 6.930   -12.819 15.224  1.00 293.91 ? 82  ARG A CA  1 
ATOM   78  C CA  . LEU A 1 83  ? 4.035   -10.951 16.843  1.00 197.73 ? 83  LEU A CA  1 
ATOM   79  C CA  . ASP A 1 84  ? 1.021   -11.044 19.210  1.00 238.66 ? 84  ASP A CA  1 
ATOM   80  C CA  . LEU A 1 85  ? -1.800  -11.884 16.779  1.00 205.88 ? 85  LEU A CA  1 
ATOM   81  C CA  . PRO A 1 86  ? -1.721  -15.671 17.244  1.00 160.75 ? 86  PRO A CA  1 
ATOM   82  C CA  . ALA A 1 87  ? -1.157  -16.379 13.591  1.00 255.39 ? 87  ALA A CA  1 
ATOM   83  C CA  . ILE A 1 88  ? -4.589  -16.881 12.053  1.00 310.75 ? 88  ILE A CA  1 
ATOM   84  C CA  . ILE A 1 89  ? -6.490  -15.079 14.895  1.00 258.29 ? 89  ILE A CA  1 
ATOM   85  C CA  . GLY A 1 90  ? -4.722  -11.878 15.830  1.00 165.04 ? 90  GLY A CA  1 
ATOM   86  C CA  . MET A 1 91  ? -3.941  -10.960 12.262  1.00 305.30 ? 91  MET A CA  1 
ATOM   87  C CA  . MET A 1 92  ? -7.603  -11.759 11.533  1.00 156.98 ? 92  MET A CA  1 
ATOM   88  C CA  . LEU A 1 93  ? -9.012  -8.630  13.118  1.00 309.06 ? 93  LEU A CA  1 
ATOM   89  C CA  . ILE A 1 94  ? -6.012  -6.422  12.315  1.00 151.22 ? 94  ILE A CA  1 
ATOM   90  C CA  . CYS A 1 95  ? -5.719  -6.673  8.547   1.00 159.09 ? 95  CYS A CA  1 
ATOM   91  C CA  . ALA A 1 96  ? -9.423  -7.322  8.271   1.00 172.76 ? 96  ALA A CA  1 
ATOM   92  C CA  . GLY A 1 97  ? -10.429 -4.119  9.994   1.00 250.21 ? 97  GLY A CA  1 
ATOM   93  C CA  . VAL A 1 98  ? -8.490  -1.609  7.962   1.00 185.18 ? 98  VAL A CA  1 
ATOM   94  C CA  . LEU A 1 99  ? -9.025  -3.791  4.945   1.00 165.93 ? 99  LEU A CA  1 
ATOM   95  C CA  . ILE A 1 100 ? -12.746 -3.812  5.216   1.00 125.39 ? 100 ILE A CA  1 
ATOM   96  C CA  . ILE A 1 101 ? -13.145 -0.083  5.734   1.00 159.54 ? 101 ILE A CA  1 
ATOM   97  C CA  . ASN A 1 102 ? -10.507 0.396   3.077   1.00 137.53 ? 102 ASN A CA  1 
ATOM   98  C CA  . LEU A 1 103 ? -12.531 -1.602  0.537   1.00 268.71 ? 103 LEU A CA  1 
ATOM   99  C CA  . LEU A 1 104 ? -15.587 0.530   1.208   1.00 181.87 ? 104 LEU A CA  1 
ATOM   100 C CA  . SER A 1 105 ? -14.225 3.620   2.920   1.00 310.75 ? 105 SER A CA  1 
ATOM   101 C CA  . TYR B 1 4   ? 6.827   5.696   14.297  1.00 287.83 ? 4   TYR B CA  1 
ATOM   102 C CA  . ILE B 1 5   ? 9.834   4.755   12.159  1.00 136.23 ? 5   ILE B CA  1 
ATOM   103 C CA  . TYR B 1 6   ? 8.797   2.017   9.731   1.00 220.03 ? 6   TYR B CA  1 
ATOM   104 C CA  . LEU B 1 7   ? 5.460   3.141   8.394   1.00 181.49 ? 7   LEU B CA  1 
ATOM   105 C CA  . GLY B 1 8   ? 6.996   6.515   9.239   1.00 118.74 ? 8   GLY B CA  1 
ATOM   106 C CA  . GLY B 1 9   ? 9.617   6.528   6.568   1.00 121.20 ? 9   GLY B CA  1 
ATOM   107 C CA  . ALA B 1 10  ? 7.048   4.205   5.018   1.00 228.53 ? 10  ALA B CA  1 
ATOM   108 C CA  . ILE B 1 11  ? 3.511   5.487   4.555   1.00 123.04 ? 11  ILE B CA  1 
ATOM   109 C CA  . LEU B 1 12  ? 5.048   8.898   4.928   1.00 107.97 ? 12  LEU B CA  1 
ATOM   110 C CA  . ALA B 1 13  ? 7.365   8.380   1.977   1.00 160.41 ? 13  ALA B CA  1 
ATOM   111 C CA  . GLU B 1 14  ? 4.193   7.811   -0.009  1.00 123.72 ? 14  GLU B CA  1 
ATOM   112 C CA  . VAL B 1 15  ? 2.118   9.956   2.145   1.00 122.21 ? 15  VAL B CA  1 
ATOM   113 C CA  . ILE B 1 16  ? 3.682   12.127  -0.495  1.00 302.84 ? 16  ILE B CA  1 
ATOM   114 C CA  . GLY B 1 17  ? 3.770   9.081   -2.856  1.00 135.14 ? 17  GLY B CA  1 
ATOM   115 C CA  . THR B 1 18  ? 0.083   9.564   -2.642  1.00 176.05 ? 18  THR B CA  1 
ATOM   116 C CA  . THR B 1 19  ? -0.150  13.344  -3.049  1.00 173.34 ? 19  THR B CA  1 
ATOM   117 C CA  . LEU B 1 20  ? 2.040   13.501  -6.101  1.00 111.24 ? 20  LEU B CA  1 
ATOM   118 C CA  . MET B 1 21  ? 0.776   10.684  -8.336  1.00 270.52 ? 21  MET B CA  1 
ATOM   119 C CA  . LYS B 1 22  ? -2.557  11.616  -6.828  1.00 310.75 ? 22  LYS B CA  1 
ATOM   120 C CA  . PHE B 1 23  ? -2.288  14.729  -9.014  1.00 177.20 ? 23  PHE B CA  1 
ATOM   121 C CA  . SER B 1 24  ? -2.296  13.627  -12.617 1.00 259.79 ? 24  SER B CA  1 
ATOM   122 C CA  . GLU B 1 25  ? -1.248  15.455  -15.784 1.00 267.36 ? 25  GLU B CA  1 
ATOM   123 C CA  . GLY B 1 26  ? -1.095  12.361  -17.995 1.00 264.45 ? 26  GLY B CA  1 
ATOM   124 C CA  . PHE B 1 27  ? 2.670   12.780  -17.824 1.00 233.72 ? 27  PHE B CA  1 
ATOM   125 C CA  . THR B 1 28  ? 4.646   15.426  -19.788 1.00 295.74 ? 28  THR B CA  1 
ATOM   126 C CA  . ARG B 1 29  ? 2.539   17.906  -17.867 1.00 274.17 ? 29  ARG B CA  1 
ATOM   127 C CA  . LEU B 1 30  ? 3.981   19.932  -14.915 1.00 191.79 ? 30  LEU B CA  1 
ATOM   128 C CA  . TRP B 1 31  ? 7.497   19.861  -13.420 1.00 231.55 ? 31  TRP B CA  1 
ATOM   129 C CA  . PRO B 1 32  ? 6.866   19.700  -9.681  1.00 169.29 ? 32  PRO B CA  1 
ATOM   130 C CA  . SER B 1 33  ? 4.229   17.040  -10.339 1.00 255.53 ? 33  SER B CA  1 
ATOM   131 C CA  . VAL B 1 34  ? 6.268   14.664  -12.467 1.00 310.75 ? 34  VAL B CA  1 
ATOM   132 C CA  . GLY B 1 35  ? 9.601   15.636  -10.946 1.00 273.07 ? 35  GLY B CA  1 
ATOM   133 C CA  . THR B 1 36  ? 7.965   15.057  -7.618  1.00 152.28 ? 36  THR B CA  1 
ATOM   134 C CA  . ILE B 1 37  ? 6.913   11.637  -8.929  1.00 158.45 ? 37  ILE B CA  1 
ATOM   135 C CA  . ILE B 1 38  ? 10.409  10.193  -9.382  1.00 195.42 ? 38  ILE B CA  1 
ATOM   136 C CA  . CYS B 1 39  ? 10.930  11.815  -5.995  1.00 140.12 ? 39  CYS B CA  1 
ATOM   137 C CA  . TYR B 1 40  ? 8.170   9.823   -4.336  1.00 166.15 ? 40  TYR B CA  1 
ATOM   138 C CA  . CYS B 1 41  ? 9.340   6.908   -6.437  1.00 220.31 ? 41  CYS B CA  1 
ATOM   139 C CA  . ALA B 1 42  ? 12.826  7.406   -5.143  1.00 159.86 ? 42  ALA B CA  1 
ATOM   140 C CA  . SER B 1 43  ? 10.900  7.247   -1.819  1.00 125.77 ? 43  SER B CA  1 
ATOM   141 C CA  . PHE B 1 44  ? 9.277   4.086   -2.918  1.00 152.42 ? 44  PHE B CA  1 
ATOM   142 C CA  . TRP B 1 45  ? 12.924  3.203   -2.866  1.00 110.85 ? 45  TRP B CA  1 
ATOM   143 C CA  . LEU B 1 46  ? 12.991  4.558   0.690   1.00 173.59 ? 46  LEU B CA  1 
ATOM   144 C CA  . LEU B 1 47  ? 10.227  1.993   1.094   1.00 109.79 ? 47  LEU B CA  1 
ATOM   145 C CA  . ALA B 1 48  ? 12.091  -0.877  -0.571  1.00 293.49 ? 48  ALA B CA  1 
ATOM   146 C CA  . GLN B 1 49  ? 14.879  -0.446  2.012   1.00 161.51 ? 49  GLN B CA  1 
ATOM   147 C CA  . THR B 1 50  ? 13.587  1.276   5.119   1.00 174.48 ? 50  THR B CA  1 
ATOM   148 C CA  . LEU B 1 51  ? 11.271  -1.661  4.715   1.00 182.24 ? 51  LEU B CA  1 
ATOM   149 C CA  . ALA B 1 52  ? 14.088  -4.029  5.555   1.00 203.91 ? 52  ALA B CA  1 
ATOM   150 C CA  . TYR B 1 53  ? 12.303  -7.248  6.435   1.00 310.75 ? 53  TYR B CA  1 
ATOM   151 C CA  . ILE B 1 54  ? 12.292  -7.383  10.219  1.00 310.75 ? 54  ILE B CA  1 
ATOM   152 C CA  . PRO B 1 55  ? 8.526   -7.093  11.004  1.00 162.62 ? 55  PRO B CA  1 
ATOM   153 C CA  . THR B 1 56  ? 7.394   -8.299  7.574   1.00 218.83 ? 56  THR B CA  1 
ATOM   154 C CA  . GLY B 1 57  ? 3.812   -9.448  7.001   1.00 235.01 ? 57  GLY B CA  1 
ATOM   155 C CA  . ILE B 1 58  ? 2.102   -6.098  7.394   1.00 214.18 ? 58  ILE B CA  1 
ATOM   156 C CA  . ALA B 1 59  ? -0.382  -5.971  4.471   1.00 176.24 ? 59  ALA B CA  1 
ATOM   157 C CA  . TYR B 1 60  ? -2.866  -3.639  6.154   1.00 218.71 ? 60  TYR B CA  1 
ATOM   158 C CA  . ALA B 1 61  ? -0.699  -1.677  8.601   1.00 288.73 ? 61  ALA B CA  1 
ATOM   159 C CA  . ILE B 1 62  ? 1.271   -1.246  5.413   1.00 240.98 ? 62  ILE B CA  1 
ATOM   160 C CA  . TRP B 1 63  ? -0.438  0.772   2.690   1.00 309.72 ? 63  TRP B CA  1 
ATOM   161 C CA  . SER B 1 64  ? -3.749  0.440   4.468   1.00 134.35 ? 64  SER B CA  1 
ATOM   162 C CA  . GLY B 1 65  ? -2.250  2.092   7.530   1.00 123.50 ? 65  GLY B CA  1 
ATOM   163 C CA  . VAL B 1 66  ? -1.657  4.691   4.883   1.00 160.67 ? 66  VAL B CA  1 
ATOM   164 C CA  . GLY B 1 67  ? -5.277  4.134   4.116   1.00 155.18 ? 67  GLY B CA  1 
ATOM   165 C CA  . ILE B 1 68  ? -5.220  6.037   7.383   1.00 236.71 ? 68  ILE B CA  1 
ATOM   166 C CA  . VAL B 1 69  ? -3.261  9.053   6.143   1.00 189.98 ? 69  VAL B CA  1 
ATOM   167 C CA  . LEU B 1 70  ? -5.272  8.390   2.980   1.00 257.19 ? 70  LEU B CA  1 
ATOM   168 C CA  . ILE B 1 71  ? -8.014  9.785   5.189   1.00 310.75 ? 71  ILE B CA  1 
ATOM   169 C CA  . SER B 1 72  ? -6.076  12.684  6.744   1.00 309.50 ? 72  SER B CA  1 
ATOM   170 C CA  . LEU B 1 73  ? -6.184  13.714  3.059   1.00 277.35 ? 73  LEU B CA  1 
ATOM   171 C CA  . LEU B 1 74  ? -9.748  12.895  1.938   1.00 154.56 ? 74  LEU B CA  1 
ATOM   172 C CA  . SER B 1 75  ? -10.362 15.056  4.969   1.00 274.32 ? 75  SER B CA  1 
ATOM   173 C CA  . TRP B 1 76  ? -7.598  17.517  4.091   1.00 261.63 ? 76  TRP B CA  1 
ATOM   174 C CA  . GLY B 1 77  ? -9.230  18.175  0.725   1.00 230.01 ? 77  GLY B CA  1 
ATOM   175 C CA  . PHE B 1 78  ? -12.635 18.225  2.397   1.00 268.93 ? 78  PHE B CA  1 
ATOM   176 C CA  . PHE B 1 79  ? -12.126 19.278  6.055   1.00 256.47 ? 79  PHE B CA  1 
ATOM   177 C CA  . GLY B 1 80  ? -12.141 16.325  8.454   1.00 212.07 ? 80  GLY B CA  1 
ATOM   178 C CA  . GLN B 1 81  ? -14.436 13.613  7.028   1.00 192.43 ? 81  GLN B CA  1 
ATOM   179 C CA  . ARG B 1 82  ? -15.613 12.354  3.605   1.00 258.43 ? 82  ARG B CA  1 
ATOM   180 C CA  . LEU B 1 83  ? -19.177 10.949  3.500   1.00 307.69 ? 83  LEU B CA  1 
ATOM   181 C CA  . ASP B 1 84  ? -21.031 10.186  6.775   1.00 310.53 ? 84  ASP B CA  1 
ATOM   182 C CA  . LEU B 1 85  ? -21.375 6.386   6.934   1.00 282.31 ? 85  LEU B CA  1 
ATOM   183 C CA  . PRO B 1 86  ? -18.268 5.180   5.056   1.00 227.76 ? 86  PRO B CA  1 
ATOM   184 C CA  . ALA B 1 87  ? -16.488 8.297   6.321   1.00 158.47 ? 87  ALA B CA  1 
ATOM   185 C CA  . ILE B 1 88  ? -16.828 8.577   10.100  1.00 188.29 ? 88  ILE B CA  1 
ATOM   186 C CA  . ILE B 1 89  ? -17.067 4.810   10.188  1.00 216.40 ? 89  ILE B CA  1 
ATOM   187 C CA  . GLY B 1 90  ? -14.043 4.666   7.957   1.00 144.97 ? 90  GLY B CA  1 
ATOM   188 C CA  . MET B 1 91  ? -12.073 5.994   10.888  1.00 247.91 ? 91  MET B CA  1 
ATOM   189 C CA  . MET B 1 92  ? -13.797 4.404   13.979  1.00 224.95 ? 92  MET B CA  1 
ATOM   190 C CA  . LEU B 1 93  ? -13.069 1.043   12.382  1.00 227.31 ? 93  LEU B CA  1 
ATOM   191 C CA  . ILE B 1 94  ? -9.624  2.294   11.563  1.00 83.41  ? 94  ILE B CA  1 
ATOM   192 C CA  . CYS B 1 95  ? -9.933  3.147   15.213  1.00 270.45 ? 95  CYS B CA  1 
ATOM   193 C CA  . ALA B 1 96  ? -10.118 -0.638  15.131  1.00 77.43  ? 96  ALA B CA  1 
ATOM   194 C CA  . GLY B 1 97  ? -7.181  -0.640  12.754  1.00 103.23 ? 97  GLY B CA  1 
ATOM   195 C CA  . VAL B 1 98  ? -5.247  2.026   14.712  1.00 309.30 ? 98  VAL B CA  1 
ATOM   196 C CA  . LEU B 1 99  ? -5.873  0.408   18.120  1.00 207.29 ? 99  LEU B CA  1 
ATOM   197 C CA  . ILE B 1 100 ? -5.904  -3.357  17.535  1.00 162.66 ? 100 ILE B CA  1 
ATOM   198 C CA  . ILE B 1 101 ? -3.049  -2.808  15.122  1.00 162.40 ? 101 ILE B CA  1 
ATOM   199 C CA  . ASN B 1 102 ? -0.840  -2.259  18.131  1.00 294.92 ? 102 ASN B CA  1 
HETATM 200 P P   . P4P C 2 .   ? 1.647   0.690   -4.622  1.00 254.18 ? 350 P4P A P   1 
HETATM 201 C C1A . P4P C 2 .   ? 3.203   1.358   -3.912  1.00 254.18 ? 350 P4P A C1A 1 
HETATM 202 C C2A . P4P C 2 .   ? 4.310   0.463   -3.771  1.00 254.18 ? 350 P4P A C2A 1 
HETATM 203 C C3A . P4P C 2 .   ? 5.521   1.038   -3.219  1.00 254.18 ? 350 P4P A C3A 1 
HETATM 204 C C4A . P4P C 2 .   ? 5.587   2.347   -2.863  1.00 254.18 ? 350 P4P A C4A 1 
HETATM 205 C C5A . P4P C 2 .   ? 4.479   3.292   -2.994  1.00 254.18 ? 350 P4P A C5A 1 
HETATM 206 C C6A . P4P C 2 .   ? 3.206   2.729   -3.562  1.00 254.18 ? 350 P4P A C6A 1 
HETATM 207 C C1C . P4P C 2 .   ? 0.299   1.906   -4.230  1.00 254.18 ? 350 P4P A C1C 1 
HETATM 208 C C6C . P4P C 2 .   ? -0.357  2.038   -2.928  1.00 254.18 ? 350 P4P A C6C 1 
HETATM 209 C C5C . P4P C 2 .   ? -1.371  2.995   -2.703  1.00 254.18 ? 350 P4P A C5C 1 
HETATM 210 C C4C . P4P C 2 .   ? -1.765  3.867   -3.806  1.00 254.18 ? 350 P4P A C4C 1 
HETATM 211 C C3C . P4P C 2 .   ? -1.113  3.743   -5.122  1.00 254.18 ? 350 P4P A C3C 1 
HETATM 212 C C2C . P4P C 2 .   ? -0.095  2.782   -5.347  1.00 254.18 ? 350 P4P A C2C 1 
HETATM 213 C C1D . P4P C 2 .   ? 2.179   0.358   -6.386  1.00 254.18 ? 350 P4P A C1D 1 
HETATM 214 C C6D . P4P C 2 .   ? 2.680   1.494   -7.232  1.00 254.18 ? 350 P4P A C6D 1 
HETATM 215 C C5D . P4P C 2 .   ? 3.110   1.189   -8.638  1.00 254.18 ? 350 P4P A C5D 1 
HETATM 216 C C4D . P4P C 2 .   ? 3.030   -0.186  -9.123  1.00 254.18 ? 350 P4P A C4D 1 
HETATM 217 C C3D . P4P C 2 .   ? 2.555   -1.280  -8.327  1.00 254.18 ? 350 P4P A C3D 1 
HETATM 218 C C2D . P4P C 2 .   ? 2.135   -1.017  -6.972  1.00 254.18 ? 350 P4P A C2D 1 
HETATM 219 C C6B . P4P C 2 .   ? 1.787   -1.720  -2.960  1.00 254.18 ? 350 P4P A C6B 1 
HETATM 220 C C5B . P4P C 2 .   ? 1.236   -2.981  -2.527  1.00 254.18 ? 350 P4P A C5B 1 
HETATM 221 C C4B . P4P C 2 .   ? 0.043   -3.452  -3.065  1.00 254.18 ? 350 P4P A C4B 1 
HETATM 222 C C3B . P4P C 2 .   ? -0.684  -2.718  -4.057  1.00 254.18 ? 350 P4P A C3B 1 
HETATM 223 C C2B . P4P C 2 .   ? -0.168  -1.413  -4.544  1.00 254.18 ? 350 P4P A C2B 1 
HETATM 224 C C1B . P4P C 2 .   ? 1.097   -0.954  -3.951  1.00 254.18 ? 350 P4P A C1B 1 
# 
